data_3R50
#
_entry.id   3R50
#
_cell.length_a   87.486
_cell.length_b   139.468
_cell.length_c   189.873
_cell.angle_alpha   90.00
_cell.angle_beta   90.00
_cell.angle_gamma   90.00
#
_symmetry.space_group_name_H-M   'I 2 2 2'
#
loop_
_entity.id
_entity.type
_entity.pdbx_description
1 polymer Ipomoelin
2 water water
#
_entity_poly.entity_id   1
_entity_poly.type   'polypeptide(L)'
_entity_poly.pdbx_seq_one_letter_code
;HHHHHHMALQLAAHSDARSGPVGSNGGQFWSFRPVRPLNKIVLSFSGSPDQTLNLISITFSSNPTDIITVGGVGPEPLTY
TETVNIDGDIIEISGMIANYKGYNVIRSIKFTTNKKEYGPYGANAGTPFNIKIPDGNKIVGFFGNSGWYVDAIGAYYTAK
;
_entity_poly.pdbx_strand_id   A,B,C,D,E
#
# COMPACT_ATOMS: atom_id res chain seq x y z
N ALA A 8 -2.06 7.81 -30.25
CA ALA A 8 -1.03 7.62 -29.17
C ALA A 8 -1.62 7.76 -27.75
N LEU A 9 -2.90 8.15 -27.66
CA LEU A 9 -3.60 8.35 -26.38
C LEU A 9 -3.51 7.19 -25.35
N GLN A 10 -2.85 7.45 -24.23
CA GLN A 10 -2.71 6.47 -23.14
C GLN A 10 -3.94 6.61 -22.23
N LEU A 11 -5.03 5.93 -22.59
CA LEU A 11 -6.23 5.98 -21.77
C LEU A 11 -6.07 4.90 -20.73
N ALA A 12 -5.70 5.28 -19.52
CA ALA A 12 -5.44 4.35 -18.42
C ALA A 12 -6.36 3.14 -18.37
N ALA A 13 -5.76 1.97 -18.27
CA ALA A 13 -6.54 0.74 -18.19
C ALA A 13 -6.77 0.44 -16.73
N HIS A 14 -7.90 -0.19 -16.43
CA HIS A 14 -8.22 -0.48 -15.05
C HIS A 14 -7.99 -1.90 -14.57
N SER A 15 -7.95 -2.05 -13.24
CA SER A 15 -7.82 -3.36 -12.59
C SER A 15 -8.91 -3.39 -11.53
N ASP A 16 -9.62 -4.52 -11.42
CA ASP A 16 -10.70 -4.66 -10.47
C ASP A 16 -10.31 -4.67 -8.98
N ALA A 17 -11.23 -4.19 -8.16
CA ALA A 17 -11.07 -4.19 -6.71
C ALA A 17 -10.85 -5.63 -6.26
N ARG A 18 -10.24 -5.82 -5.10
CA ARG A 18 -9.98 -7.15 -4.56
C ARG A 18 -10.46 -7.29 -3.12
N SER A 19 -10.86 -8.50 -2.75
CA SER A 19 -11.29 -8.80 -1.39
C SER A 19 -10.39 -9.96 -1.00
N GLY A 20 -9.58 -9.75 0.03
CA GLY A 20 -8.67 -10.80 0.48
C GLY A 20 -7.23 -10.60 0.05
N PRO A 21 -6.43 -11.66 -0.03
CA PRO A 21 -6.78 -13.05 0.26
C PRO A 21 -6.79 -13.42 1.73
N VAL A 22 -7.45 -14.55 2.03
CA VAL A 22 -7.52 -15.07 3.38
C VAL A 22 -6.86 -16.45 3.33
N GLY A 23 -6.32 -16.88 4.46
CA GLY A 23 -5.67 -18.18 4.53
C GLY A 23 -4.23 -17.99 4.95
N SER A 24 -3.31 -18.61 4.22
CA SER A 24 -1.90 -18.47 4.55
C SER A 24 -1.02 -18.42 3.30
N ASN A 25 0.18 -17.86 3.46
CA ASN A 25 1.16 -17.74 2.41
C ASN A 25 1.43 -19.09 1.78
N GLY A 26 1.70 -19.07 0.50
CA GLY A 26 1.95 -20.32 -0.22
C GLY A 26 3.09 -20.09 -1.16
N GLY A 27 3.61 -21.19 -1.74
CA GLY A 27 4.74 -21.11 -2.62
C GLY A 27 4.47 -20.31 -3.90
N GLN A 28 3.29 -20.47 -4.49
CA GLN A 28 3.01 -19.73 -5.70
C GLN A 28 1.78 -18.89 -5.65
N PHE A 29 1.90 -17.70 -6.20
CA PHE A 29 0.76 -16.80 -6.32
C PHE A 29 -0.04 -17.28 -7.56
N TRP A 30 -1.36 -17.24 -7.48
CA TRP A 30 -2.16 -17.61 -8.65
C TRP A 30 -3.25 -16.60 -8.86
N SER A 31 -3.72 -16.51 -10.11
CA SER A 31 -4.77 -15.54 -10.42
C SER A 31 -5.60 -15.97 -11.64
N PHE A 32 -6.91 -15.86 -11.53
CA PHE A 32 -7.79 -16.24 -12.63
C PHE A 32 -9.03 -15.38 -12.66
N ARG A 33 -9.05 -14.44 -13.59
CA ARG A 33 -10.15 -13.50 -13.75
C ARG A 33 -10.50 -13.52 -15.23
N PRO A 34 -11.44 -14.41 -15.62
CA PRO A 34 -11.87 -14.53 -17.03
C PRO A 34 -12.84 -13.41 -17.45
N VAL A 35 -12.91 -13.18 -18.77
CA VAL A 35 -13.76 -12.16 -19.36
C VAL A 35 -15.24 -12.48 -19.11
N ARG A 36 -15.63 -13.72 -19.30
CA ARG A 36 -17.00 -14.12 -19.05
C ARG A 36 -17.10 -14.62 -17.60
N PRO A 37 -18.32 -14.64 -17.05
CA PRO A 37 -18.52 -15.08 -15.67
C PRO A 37 -18.14 -16.55 -15.44
N LEU A 38 -17.84 -16.85 -14.19
CA LEU A 38 -17.48 -18.20 -13.79
C LEU A 38 -18.76 -19.04 -13.79
N ASN A 39 -18.68 -20.30 -14.19
CA ASN A 39 -19.89 -21.13 -14.15
C ASN A 39 -19.65 -22.57 -13.78
N LYS A 40 -18.40 -22.92 -13.50
CA LYS A 40 -18.12 -24.28 -13.12
C LYS A 40 -16.95 -24.31 -12.17
N ILE A 41 -17.13 -24.94 -11.02
CA ILE A 41 -16.03 -25.03 -10.08
C ILE A 41 -15.93 -26.47 -9.67
N VAL A 42 -14.73 -27.03 -9.77
CA VAL A 42 -14.47 -28.43 -9.40
C VAL A 42 -13.53 -28.50 -8.21
N LEU A 43 -14.01 -29.07 -7.11
CA LEU A 43 -13.23 -29.23 -5.90
C LEU A 43 -12.73 -30.67 -5.87
N SER A 44 -11.42 -30.84 -5.78
CA SER A 44 -10.77 -32.17 -5.75
C SER A 44 -10.26 -32.48 -4.34
N PHE A 45 -10.75 -33.57 -3.77
CA PHE A 45 -10.41 -33.97 -2.42
C PHE A 45 -9.65 -35.28 -2.30
N SER A 46 -9.18 -35.52 -1.08
CA SER A 46 -8.46 -36.72 -0.72
C SER A 46 -9.37 -37.31 0.35
N GLY A 47 -9.12 -38.55 0.74
CA GLY A 47 -9.96 -39.18 1.75
C GLY A 47 -11.30 -39.58 1.18
N SER A 48 -12.36 -39.55 1.99
CA SER A 48 -13.69 -39.95 1.52
C SER A 48 -14.79 -39.23 2.27
N PRO A 49 -15.95 -39.06 1.62
CA PRO A 49 -17.12 -38.37 2.19
C PRO A 49 -17.52 -38.87 3.58
N ASP A 50 -17.49 -40.19 3.76
CA ASP A 50 -17.85 -40.80 5.04
C ASP A 50 -16.81 -40.51 6.12
N GLN A 51 -15.54 -40.54 5.72
CA GLN A 51 -14.44 -40.24 6.64
C GLN A 51 -14.20 -38.73 6.62
N THR A 52 -12.97 -38.36 6.34
CA THR A 52 -12.63 -36.95 6.25
C THR A 52 -12.30 -36.62 4.79
N LEU A 53 -12.87 -35.52 4.30
CA LEU A 53 -12.61 -35.08 2.94
C LEU A 53 -11.48 -34.02 2.95
N ASN A 54 -10.39 -34.24 2.22
CA ASN A 54 -9.29 -33.27 2.21
C ASN A 54 -9.15 -32.48 0.90
N LEU A 55 -9.56 -31.22 0.92
CA LEU A 55 -9.48 -30.39 -0.28
C LEU A 55 -8.02 -30.23 -0.65
N ILE A 56 -7.66 -30.63 -1.87
CA ILE A 56 -6.30 -30.48 -2.27
C ILE A 56 -6.13 -29.55 -3.49
N SER A 57 -7.12 -29.47 -4.36
CA SER A 57 -7.00 -28.58 -5.51
C SER A 57 -8.37 -28.12 -5.89
N ILE A 58 -8.40 -27.02 -6.62
CA ILE A 58 -9.64 -26.44 -7.11
C ILE A 58 -9.48 -26.08 -8.59
N THR A 59 -10.50 -26.40 -9.38
CA THR A 59 -10.47 -26.06 -10.79
C THR A 59 -11.59 -25.05 -11.09
N PHE A 60 -11.22 -23.84 -11.49
CA PHE A 60 -12.22 -22.82 -11.79
C PHE A 60 -12.41 -22.78 -13.29
N SER A 61 -13.65 -22.60 -13.73
CA SER A 61 -13.91 -22.58 -15.13
C SER A 61 -15.02 -21.61 -15.58
N SER A 62 -14.79 -21.03 -16.75
CA SER A 62 -15.73 -20.13 -17.34
C SER A 62 -15.85 -20.61 -18.77
N ASN A 63 -17.03 -21.06 -19.11
CA ASN A 63 -17.26 -21.55 -20.44
C ASN A 63 -17.04 -20.45 -21.49
N PRO A 64 -16.37 -20.81 -22.60
CA PRO A 64 -15.85 -22.19 -22.81
C PRO A 64 -14.32 -22.16 -22.82
N THR A 65 -13.69 -23.28 -22.46
CA THR A 65 -12.22 -23.40 -22.46
C THR A 65 -11.41 -22.61 -21.41
N ASP A 66 -11.93 -21.51 -20.91
CA ASP A 66 -11.24 -20.72 -19.89
C ASP A 66 -11.21 -21.52 -18.58
N ILE A 67 -10.06 -22.09 -18.24
CA ILE A 67 -10.00 -22.90 -17.03
C ILE A 67 -8.65 -22.82 -16.31
N ILE A 68 -8.66 -23.05 -14.99
CA ILE A 68 -7.41 -23.02 -14.21
C ILE A 68 -7.57 -23.99 -13.08
N THR A 69 -6.45 -24.56 -12.64
CA THR A 69 -6.42 -25.52 -11.54
C THR A 69 -5.36 -25.06 -10.56
N VAL A 70 -5.71 -24.83 -9.30
CA VAL A 70 -4.73 -24.39 -8.32
C VAL A 70 -4.66 -25.41 -7.21
N GLY A 71 -3.47 -25.60 -6.65
CA GLY A 71 -3.27 -26.63 -5.64
C GLY A 71 -3.09 -27.96 -6.40
N GLY A 72 -2.95 -29.09 -5.70
CA GLY A 72 -2.84 -30.39 -6.36
C GLY A 72 -1.52 -30.73 -7.01
N VAL A 73 -0.52 -29.89 -6.81
CA VAL A 73 0.79 -30.14 -7.38
C VAL A 73 1.51 -31.30 -6.66
N GLY A 74 0.99 -31.70 -5.50
CA GLY A 74 1.57 -32.81 -4.75
C GLY A 74 1.24 -34.21 -5.27
N PRO A 75 1.98 -35.24 -4.82
CA PRO A 75 1.82 -36.66 -5.19
C PRO A 75 0.56 -37.34 -4.65
N GLU A 76 0.01 -36.82 -3.57
CA GLU A 76 -1.19 -37.42 -2.99
C GLU A 76 -2.31 -37.56 -4.07
N PRO A 77 -2.83 -38.78 -4.28
CA PRO A 77 -3.90 -39.07 -5.27
C PRO A 77 -5.30 -38.58 -4.88
N LEU A 78 -6.00 -38.00 -5.85
CA LEU A 78 -7.34 -37.52 -5.63
C LEU A 78 -8.31 -38.72 -5.52
N THR A 79 -9.30 -38.65 -4.65
CA THR A 79 -10.22 -39.77 -4.52
C THR A 79 -11.67 -39.36 -4.57
N TYR A 80 -11.93 -38.07 -4.71
CA TYR A 80 -13.30 -37.57 -4.78
C TYR A 80 -13.33 -36.15 -5.30
N THR A 81 -14.36 -35.85 -6.09
CA THR A 81 -14.52 -34.51 -6.65
C THR A 81 -15.97 -34.04 -6.59
N GLU A 82 -16.15 -32.73 -6.45
CA GLU A 82 -17.48 -32.13 -6.39
C GLU A 82 -17.55 -31.09 -7.50
N THR A 83 -18.45 -31.32 -8.45
CA THR A 83 -18.61 -30.39 -9.56
C THR A 83 -19.71 -29.43 -9.21
N VAL A 84 -19.41 -28.15 -9.20
CA VAL A 84 -20.42 -27.16 -8.86
C VAL A 84 -20.76 -26.31 -10.07
N ASN A 85 -21.98 -26.48 -10.59
CA ASN A 85 -22.44 -25.71 -11.73
C ASN A 85 -23.22 -24.51 -11.27
N ILE A 86 -22.63 -23.33 -11.43
CA ILE A 86 -23.31 -22.13 -10.99
C ILE A 86 -23.88 -21.33 -12.15
N ASP A 87 -25.15 -20.98 -12.04
CA ASP A 87 -25.80 -20.21 -13.10
C ASP A 87 -26.25 -18.91 -12.46
N GLY A 88 -25.29 -18.04 -12.21
CA GLY A 88 -25.62 -16.77 -11.59
C GLY A 88 -24.32 -16.09 -11.22
N ASP A 89 -24.43 -14.90 -10.68
CA ASP A 89 -23.24 -14.16 -10.29
C ASP A 89 -22.87 -14.46 -8.84
N ILE A 90 -21.65 -14.94 -8.60
CA ILE A 90 -21.18 -15.18 -7.25
C ILE A 90 -21.03 -13.82 -6.57
N ILE A 91 -21.52 -13.71 -5.34
CA ILE A 91 -21.48 -12.44 -4.58
C ILE A 91 -20.75 -12.62 -3.25
N GLU A 92 -20.40 -13.85 -2.94
CA GLU A 92 -19.70 -14.15 -1.70
C GLU A 92 -19.24 -15.60 -1.61
N ILE A 93 -18.11 -15.84 -0.96
CA ILE A 93 -17.70 -17.22 -0.71
C ILE A 93 -17.33 -17.24 0.76
N SER A 94 -17.25 -18.44 1.32
CA SER A 94 -16.90 -18.58 2.71
C SER A 94 -16.40 -19.99 2.93
N GLY A 95 -15.90 -20.25 4.13
CA GLY A 95 -15.38 -21.57 4.43
C GLY A 95 -14.59 -21.63 5.72
N MET A 96 -13.81 -22.70 5.83
CA MET A 96 -12.98 -22.98 7.00
C MET A 96 -11.51 -23.20 6.60
N ILE A 97 -10.60 -22.80 7.49
CA ILE A 97 -9.17 -22.97 7.29
C ILE A 97 -8.73 -23.80 8.48
N ALA A 98 -7.80 -24.71 8.27
CA ALA A 98 -7.37 -25.57 9.36
C ALA A 98 -6.14 -26.30 8.86
N ASN A 99 -5.43 -26.91 9.79
CA ASN A 99 -4.21 -27.60 9.43
C ASN A 99 -4.38 -28.92 8.70
N TYR A 100 -3.45 -29.19 7.79
CA TYR A 100 -3.41 -30.44 7.04
C TYR A 100 -1.94 -30.66 6.65
N LYS A 101 -1.34 -31.72 7.20
CA LYS A 101 0.06 -32.11 6.97
C LYS A 101 1.04 -31.01 7.35
N GLY A 102 0.77 -30.31 8.44
CA GLY A 102 1.67 -29.24 8.87
C GLY A 102 1.45 -27.86 8.24
N TYR A 103 0.35 -27.68 7.51
CA TYR A 103 0.07 -26.40 6.89
C TYR A 103 -1.35 -25.93 7.06
N ASN A 104 -1.55 -24.63 7.25
CA ASN A 104 -2.91 -24.13 7.35
C ASN A 104 -3.35 -23.93 5.91
N VAL A 105 -4.47 -24.58 5.54
CA VAL A 105 -5.02 -24.53 4.19
C VAL A 105 -6.53 -24.32 4.13
N ILE A 106 -7.05 -24.04 2.92
CA ILE A 106 -8.49 -23.89 2.76
C ILE A 106 -9.01 -25.33 2.83
N ARG A 107 -9.94 -25.58 3.76
CA ARG A 107 -10.49 -26.92 4.04
C ARG A 107 -11.90 -27.17 3.49
N SER A 108 -12.75 -26.14 3.59
CA SER A 108 -14.11 -26.20 3.08
C SER A 108 -14.40 -24.87 2.40
N ILE A 109 -15.32 -24.89 1.45
CA ILE A 109 -15.66 -23.67 0.74
C ILE A 109 -17.11 -23.65 0.28
N LYS A 110 -17.73 -22.47 0.34
CA LYS A 110 -19.11 -22.32 -0.04
C LYS A 110 -19.26 -21.14 -0.97
N PHE A 111 -20.09 -21.29 -1.97
CA PHE A 111 -20.31 -20.23 -2.93
C PHE A 111 -21.74 -19.73 -2.85
N THR A 112 -21.90 -18.41 -2.89
CA THR A 112 -23.20 -17.78 -2.75
C THR A 112 -23.47 -16.75 -3.83
N THR A 113 -24.59 -16.91 -4.52
CA THR A 113 -24.96 -15.99 -5.58
C THR A 113 -26.12 -15.16 -5.07
N ASN A 114 -26.63 -14.27 -5.93
CA ASN A 114 -27.77 -13.42 -5.60
C ASN A 114 -28.99 -14.25 -5.17
N LYS A 115 -29.09 -15.49 -5.66
CA LYS A 115 -30.23 -16.33 -5.30
C LYS A 115 -29.98 -17.81 -5.08
N LYS A 116 -28.81 -18.19 -4.60
CA LYS A 116 -28.56 -19.61 -4.39
C LYS A 116 -27.27 -19.86 -3.61
N GLU A 117 -27.20 -20.97 -2.88
CA GLU A 117 -26.00 -21.31 -2.13
C GLU A 117 -25.49 -22.68 -2.55
N TYR A 118 -24.17 -22.80 -2.65
CA TYR A 118 -23.53 -24.04 -3.04
C TYR A 118 -22.47 -24.41 -2.02
N GLY A 119 -22.70 -25.48 -1.26
CA GLY A 119 -21.73 -25.91 -0.28
C GLY A 119 -22.24 -25.68 1.11
N PRO A 120 -21.37 -25.67 2.12
CA PRO A 120 -19.93 -25.87 2.00
C PRO A 120 -19.50 -27.30 1.72
N TYR A 121 -18.48 -27.43 0.90
CA TYR A 121 -17.95 -28.73 0.54
C TYR A 121 -16.58 -28.87 1.16
N GLY A 122 -16.31 -30.06 1.67
CA GLY A 122 -15.04 -30.36 2.32
C GLY A 122 -15.16 -30.51 3.84
N ALA A 123 -14.03 -30.54 4.52
CA ALA A 123 -13.98 -30.67 5.96
C ALA A 123 -14.38 -29.33 6.57
N ASN A 124 -15.64 -29.21 6.96
CA ASN A 124 -16.12 -27.98 7.52
C ASN A 124 -15.79 -27.82 9.00
N ALA A 125 -14.51 -27.56 9.28
CA ALA A 125 -14.04 -27.39 10.64
C ALA A 125 -12.74 -26.57 10.65
N GLY A 126 -12.52 -25.85 11.73
CA GLY A 126 -11.33 -25.02 11.86
C GLY A 126 -11.64 -23.55 12.05
N THR A 127 -10.93 -22.70 11.32
CA THR A 127 -11.13 -21.26 11.43
C THR A 127 -11.88 -20.75 10.22
N PRO A 128 -13.04 -20.15 10.46
CA PRO A 128 -13.85 -19.63 9.36
C PRO A 128 -13.29 -18.39 8.66
N PHE A 129 -13.75 -18.18 7.42
CA PHE A 129 -13.40 -17.00 6.61
C PHE A 129 -14.63 -16.64 5.81
N ASN A 130 -14.75 -15.35 5.49
CA ASN A 130 -15.87 -14.83 4.75
C ASN A 130 -15.37 -13.76 3.83
N ILE A 131 -15.60 -13.93 2.55
CA ILE A 131 -15.22 -12.85 1.68
C ILE A 131 -16.52 -12.32 1.08
N LYS A 132 -16.88 -11.13 1.53
CA LYS A 132 -18.10 -10.48 1.08
C LYS A 132 -17.67 -9.26 0.31
N ILE A 133 -18.57 -8.76 -0.51
CA ILE A 133 -18.27 -7.59 -1.31
C ILE A 133 -19.38 -6.57 -1.16
N PRO A 134 -19.11 -5.31 -1.51
CA PRO A 134 -20.16 -4.31 -1.39
C PRO A 134 -21.41 -4.70 -2.21
N ASP A 135 -22.57 -4.22 -1.74
CA ASP A 135 -23.80 -4.55 -2.42
C ASP A 135 -23.87 -4.03 -3.85
N GLY A 136 -24.49 -4.81 -4.72
CA GLY A 136 -24.56 -4.43 -6.11
C GLY A 136 -23.33 -4.85 -6.91
N ASN A 137 -22.39 -5.54 -6.27
CA ASN A 137 -21.20 -6.01 -6.98
C ASN A 137 -21.25 -7.49 -7.21
N LYS A 138 -20.33 -7.98 -8.02
CA LYS A 138 -20.25 -9.39 -8.30
C LYS A 138 -18.79 -9.76 -8.31
N ILE A 139 -18.49 -11.00 -7.91
CA ILE A 139 -17.14 -11.52 -7.94
C ILE A 139 -16.95 -12.00 -9.37
N VAL A 140 -15.88 -11.56 -10.00
CA VAL A 140 -15.63 -11.92 -11.37
C VAL A 140 -14.35 -12.66 -11.57
N GLY A 141 -13.70 -13.08 -10.49
CA GLY A 141 -12.44 -13.82 -10.61
C GLY A 141 -11.91 -14.20 -9.22
N PHE A 142 -10.90 -15.04 -9.21
CA PHE A 142 -10.32 -15.47 -7.95
C PHE A 142 -8.79 -15.41 -8.05
N PHE A 143 -8.12 -15.34 -6.91
CA PHE A 143 -6.64 -15.32 -6.89
C PHE A 143 -6.23 -15.85 -5.54
N GLY A 144 -4.95 -16.19 -5.36
CA GLY A 144 -4.48 -16.67 -4.06
C GLY A 144 -3.07 -17.22 -4.05
N ASN A 145 -2.77 -18.13 -3.12
CA ASN A 145 -1.46 -18.81 -3.11
C ASN A 145 -1.84 -20.30 -3.12
N SER A 146 -0.94 -21.18 -3.57
CA SER A 146 -1.17 -22.63 -3.58
C SER A 146 0.15 -23.34 -3.79
N GLY A 147 0.14 -24.62 -3.47
CA GLY A 147 1.29 -25.49 -3.66
C GLY A 147 0.65 -26.88 -3.85
N TRP A 148 0.82 -27.74 -2.86
CA TRP A 148 0.18 -29.05 -2.91
C TRP A 148 -1.28 -28.78 -2.58
N TYR A 149 -1.52 -27.69 -1.86
CA TYR A 149 -2.91 -27.40 -1.50
C TYR A 149 -3.27 -26.00 -1.89
N VAL A 150 -4.49 -25.62 -1.55
CA VAL A 150 -4.98 -24.29 -1.79
C VAL A 150 -4.76 -23.59 -0.45
N ASP A 151 -3.71 -22.80 -0.39
CA ASP A 151 -3.29 -22.09 0.82
C ASP A 151 -4.05 -20.81 1.14
N ALA A 152 -4.33 -20.01 0.11
CA ALA A 152 -5.06 -18.76 0.32
C ALA A 152 -5.93 -18.45 -0.87
N ILE A 153 -7.00 -17.72 -0.63
CA ILE A 153 -7.90 -17.34 -1.70
C ILE A 153 -8.49 -15.96 -1.46
N GLY A 154 -8.71 -15.24 -2.55
CA GLY A 154 -9.30 -13.92 -2.51
C GLY A 154 -10.08 -13.75 -3.80
N ALA A 155 -10.88 -12.71 -3.90
CA ALA A 155 -11.69 -12.50 -5.13
C ALA A 155 -11.57 -11.12 -5.76
N TYR A 156 -11.80 -11.05 -7.06
CA TYR A 156 -11.83 -9.80 -7.80
C TYR A 156 -13.34 -9.51 -7.90
N TYR A 157 -13.75 -8.25 -7.76
CA TYR A 157 -15.15 -7.91 -7.86
C TYR A 157 -15.33 -6.56 -8.57
N THR A 158 -16.55 -6.33 -9.07
CA THR A 158 -16.85 -5.11 -9.82
C THR A 158 -18.36 -4.94 -9.77
N ALA A 159 -18.86 -3.75 -10.11
CA ALA A 159 -20.31 -3.49 -10.05
C ALA A 159 -21.08 -4.31 -11.07
N LYS A 160 -22.28 -4.74 -10.70
CA LYS A 160 -23.13 -5.47 -11.64
C LYS A 160 -23.61 -4.41 -12.65
N MET B 7 -7.17 -20.84 17.28
CA MET B 7 -7.44 -20.11 16.01
C MET B 7 -6.19 -20.01 15.11
N ALA B 8 -6.40 -20.20 13.81
CA ALA B 8 -5.31 -20.21 12.85
C ALA B 8 -4.52 -18.91 12.65
N LEU B 9 -3.21 -19.06 12.57
CA LEU B 9 -2.32 -17.95 12.33
C LEU B 9 -2.67 -17.34 10.97
N GLN B 10 -2.69 -16.01 10.90
CA GLN B 10 -2.95 -15.31 9.65
C GLN B 10 -1.57 -14.94 9.10
N LEU B 11 -0.97 -15.89 8.40
CA LEU B 11 0.32 -15.73 7.76
C LEU B 11 0.00 -15.09 6.41
N ALA B 12 0.22 -13.78 6.32
CA ALA B 12 -0.06 -13.00 5.12
C ALA B 12 0.39 -13.73 3.85
N ALA B 13 -0.51 -13.79 2.87
CA ALA B 13 -0.25 -14.43 1.57
C ALA B 13 0.25 -13.36 0.58
N HIS B 14 1.16 -13.72 -0.32
CA HIS B 14 1.69 -12.70 -1.24
C HIS B 14 1.04 -12.58 -2.59
N SER B 15 1.31 -11.46 -3.24
CA SER B 15 0.80 -11.21 -4.60
C SER B 15 2.00 -10.74 -5.43
N ASP B 16 2.25 -11.38 -6.59
CA ASP B 16 3.41 -10.99 -7.41
C ASP B 16 3.43 -9.53 -7.84
N ALA B 17 4.61 -9.00 -8.08
CA ALA B 17 4.81 -7.68 -8.58
C ALA B 17 4.24 -7.64 -10.02
N ARG B 18 3.89 -6.43 -10.47
CA ARG B 18 3.33 -6.21 -11.80
C ARG B 18 4.08 -5.17 -12.61
N SER B 19 3.99 -5.30 -13.92
CA SER B 19 4.60 -4.35 -14.81
C SER B 19 3.50 -4.06 -15.84
N GLY B 20 3.07 -2.80 -15.88
CA GLY B 20 2.02 -2.40 -16.78
C GLY B 20 0.74 -2.14 -16.01
N PRO B 21 -0.43 -2.19 -16.65
CA PRO B 21 -0.55 -2.51 -18.08
C PRO B 21 -0.22 -1.33 -18.98
N VAL B 22 -0.01 -1.63 -20.27
CA VAL B 22 0.23 -0.61 -21.29
C VAL B 22 -0.91 -0.85 -22.27
N GLY B 23 -1.23 0.18 -23.04
CA GLY B 23 -2.32 0.01 -23.98
C GLY B 23 -3.44 0.96 -23.63
N SER B 24 -4.66 0.47 -23.62
CA SER B 24 -5.79 1.35 -23.37
C SER B 24 -6.90 0.71 -22.54
N ASN B 25 -7.74 1.52 -21.89
CA ASN B 25 -8.80 0.94 -21.09
C ASN B 25 -9.79 0.10 -21.91
N GLY B 26 -10.35 -0.95 -21.33
CA GLY B 26 -11.27 -1.80 -22.05
C GLY B 26 -12.42 -2.25 -21.19
N GLY B 27 -13.44 -2.83 -21.81
CA GLY B 27 -14.60 -3.21 -21.02
C GLY B 27 -14.37 -4.14 -19.84
N GLN B 28 -13.51 -5.14 -20.02
CA GLN B 28 -13.27 -6.10 -18.96
C GLN B 28 -11.82 -6.22 -18.54
N PHE B 29 -11.61 -6.35 -17.25
CA PHE B 29 -10.29 -6.57 -16.71
C PHE B 29 -10.11 -8.10 -16.85
N TRP B 30 -8.89 -8.55 -17.11
CA TRP B 30 -8.64 -9.99 -17.19
C TRP B 30 -7.28 -10.24 -16.55
N SER B 31 -7.11 -11.43 -16.01
CA SER B 31 -5.88 -11.80 -15.35
C SER B 31 -5.71 -13.31 -15.44
N PHE B 32 -4.48 -13.77 -15.71
CA PHE B 32 -4.17 -15.18 -15.83
C PHE B 32 -2.77 -15.43 -15.29
N ARG B 33 -2.65 -16.00 -14.09
CA ARG B 33 -1.31 -16.29 -13.55
C ARG B 33 -1.42 -17.71 -13.02
N PRO B 34 -1.02 -18.67 -13.84
CA PRO B 34 -1.06 -20.12 -13.51
C PRO B 34 0.11 -20.51 -12.65
N VAL B 35 -0.09 -21.60 -11.90
CA VAL B 35 0.94 -22.09 -10.99
C VAL B 35 2.15 -22.58 -11.75
N ARG B 36 1.95 -23.19 -12.92
CA ARG B 36 3.07 -23.69 -13.72
C ARG B 36 3.50 -22.70 -14.80
N PRO B 37 4.68 -22.91 -15.38
CA PRO B 37 5.16 -22.02 -16.43
C PRO B 37 4.20 -21.88 -17.62
N LEU B 38 4.19 -20.69 -18.18
CA LEU B 38 3.38 -20.35 -19.33
C LEU B 38 4.15 -20.83 -20.57
N ASN B 39 3.71 -21.92 -21.18
CA ASN B 39 4.41 -22.51 -22.34
C ASN B 39 3.81 -22.38 -23.74
N LYS B 40 2.54 -21.96 -23.87
CA LYS B 40 1.96 -21.79 -25.20
C LYS B 40 1.09 -20.55 -25.34
N ILE B 41 1.26 -19.81 -26.43
CA ILE B 41 0.45 -18.62 -26.63
C ILE B 41 -0.11 -18.64 -28.05
N VAL B 42 -1.43 -18.57 -28.20
CA VAL B 42 -2.00 -18.59 -29.55
C VAL B 42 -2.59 -17.22 -29.85
N LEU B 43 -2.09 -16.58 -30.90
CA LEU B 43 -2.56 -15.26 -31.35
C LEU B 43 -3.62 -15.43 -32.44
N SER B 44 -4.79 -14.82 -32.29
CA SER B 44 -5.79 -14.96 -33.33
C SER B 44 -6.10 -13.62 -34.00
N PHE B 45 -6.10 -13.63 -35.33
CA PHE B 45 -6.30 -12.44 -36.16
C PHE B 45 -7.44 -12.60 -37.17
N SER B 46 -7.89 -11.47 -37.71
CA SER B 46 -8.90 -11.47 -38.77
C SER B 46 -8.14 -10.87 -39.97
N GLY B 47 -8.68 -11.01 -41.18
CA GLY B 47 -8.04 -10.52 -42.39
C GLY B 47 -7.01 -11.53 -42.92
N SER B 48 -6.56 -11.35 -44.17
CA SER B 48 -5.56 -12.25 -44.76
C SER B 48 -4.14 -11.76 -44.42
N PRO B 49 -3.23 -12.67 -44.03
CA PRO B 49 -1.82 -12.41 -43.66
C PRO B 49 -0.85 -11.97 -44.78
N ASP B 50 -1.27 -12.14 -46.03
CA ASP B 50 -0.44 -11.73 -47.16
C ASP B 50 -0.68 -10.23 -47.40
N GLN B 51 -1.50 -9.64 -46.51
CA GLN B 51 -1.87 -8.22 -46.51
C GLN B 51 -1.64 -7.66 -45.10
N THR B 52 -2.71 -7.48 -44.33
CA THR B 52 -2.57 -6.97 -42.98
C THR B 52 -3.46 -7.74 -42.01
N LEU B 53 -2.83 -8.26 -40.96
CA LEU B 53 -3.53 -9.02 -39.93
C LEU B 53 -3.98 -8.11 -38.77
N ASN B 54 -5.18 -8.35 -38.27
CA ASN B 54 -5.70 -7.58 -37.16
C ASN B 54 -5.77 -8.51 -35.95
N LEU B 55 -5.00 -8.20 -34.91
CA LEU B 55 -5.02 -9.03 -33.70
C LEU B 55 -6.41 -8.93 -33.09
N ILE B 56 -7.02 -10.05 -32.83
CA ILE B 56 -8.35 -10.05 -32.26
C ILE B 56 -8.38 -10.64 -30.85
N SER B 57 -7.62 -11.71 -30.63
CA SER B 57 -7.60 -12.36 -29.33
C SER B 57 -6.31 -13.16 -29.06
N ILE B 58 -6.04 -13.38 -27.78
CA ILE B 58 -4.86 -14.11 -27.37
C ILE B 58 -5.32 -15.27 -26.46
N THR B 59 -4.73 -16.42 -26.65
CA THR B 59 -5.04 -17.54 -25.82
C THR B 59 -3.73 -17.94 -25.13
N PHE B 60 -3.69 -17.83 -23.80
CA PHE B 60 -2.50 -18.18 -23.02
C PHE B 60 -2.82 -19.50 -22.40
N SER B 61 -1.84 -20.38 -22.29
CA SER B 61 -2.07 -21.69 -21.67
C SER B 61 -0.86 -22.20 -20.91
N SER B 62 -1.10 -23.16 -20.01
CA SER B 62 -0.03 -23.74 -19.22
C SER B 62 -0.37 -25.20 -18.99
N ASN B 63 0.57 -26.08 -19.32
CA ASN B 63 0.33 -27.52 -19.14
C ASN B 63 0.10 -27.88 -17.69
N PRO B 64 -0.79 -28.86 -17.44
CA PRO B 64 -1.53 -29.59 -18.47
C PRO B 64 -2.77 -28.96 -19.09
N THR B 65 -3.60 -28.33 -18.27
CA THR B 65 -4.84 -27.77 -18.79
C THR B 65 -5.21 -26.33 -18.48
N ASP B 66 -4.33 -25.52 -17.90
CA ASP B 66 -4.68 -24.12 -17.62
C ASP B 66 -4.76 -23.28 -18.89
N ILE B 67 -5.90 -22.61 -19.08
CA ILE B 67 -6.04 -21.82 -20.29
C ILE B 67 -6.97 -20.62 -20.17
N ILE B 68 -6.67 -19.55 -20.90
CA ILE B 68 -7.55 -18.39 -20.91
C ILE B 68 -7.54 -17.76 -22.30
N THR B 69 -8.68 -17.23 -22.72
CA THR B 69 -8.80 -16.57 -24.00
C THR B 69 -9.33 -15.15 -23.75
N VAL B 70 -8.60 -14.13 -24.19
CA VAL B 70 -9.07 -12.76 -23.99
C VAL B 70 -9.15 -12.09 -25.35
N GLY B 71 -10.13 -11.18 -25.45
CA GLY B 71 -10.41 -10.52 -26.72
C GLY B 71 -11.33 -11.47 -27.49
N GLY B 72 -11.78 -11.09 -28.69
CA GLY B 72 -12.61 -11.99 -29.49
C GLY B 72 -14.06 -12.24 -29.13
N VAL B 73 -14.64 -11.42 -28.26
CA VAL B 73 -16.02 -11.59 -27.86
C VAL B 73 -16.98 -11.19 -28.96
N GLY B 74 -16.55 -10.30 -29.85
CA GLY B 74 -17.39 -9.84 -30.95
C GLY B 74 -17.64 -10.79 -32.13
N PRO B 75 -18.36 -10.29 -33.15
CA PRO B 75 -18.72 -11.01 -34.38
C PRO B 75 -17.64 -11.20 -35.46
N GLU B 76 -16.51 -10.52 -35.36
CA GLU B 76 -15.47 -10.71 -36.39
C GLU B 76 -14.91 -12.12 -36.43
N PRO B 77 -14.95 -12.76 -37.59
CA PRO B 77 -14.41 -14.12 -37.65
C PRO B 77 -12.87 -14.16 -37.63
N LEU B 78 -12.32 -15.23 -37.08
CA LEU B 78 -10.85 -15.38 -37.09
C LEU B 78 -10.43 -15.99 -38.43
N THR B 79 -9.42 -15.44 -39.08
CA THR B 79 -9.00 -16.02 -40.34
C THR B 79 -7.60 -16.57 -40.27
N TYR B 80 -6.86 -16.26 -39.22
CA TYR B 80 -5.50 -16.78 -39.14
C TYR B 80 -4.99 -16.85 -37.70
N THR B 81 -4.30 -17.92 -37.35
CA THR B 81 -3.75 -18.01 -36.00
C THR B 81 -2.26 -18.32 -36.04
N GLU B 82 -1.57 -17.86 -35.01
CA GLU B 82 -0.13 -18.07 -34.85
C GLU B 82 0.07 -18.74 -33.49
N THR B 83 0.66 -19.92 -33.50
CA THR B 83 0.90 -20.67 -32.27
C THR B 83 2.34 -20.57 -31.82
N VAL B 84 2.57 -19.85 -30.71
CA VAL B 84 3.90 -19.62 -30.14
C VAL B 84 4.17 -20.58 -28.98
N ASN B 85 5.11 -21.50 -29.19
CA ASN B 85 5.46 -22.46 -28.14
C ASN B 85 6.68 -21.94 -27.41
N ILE B 86 6.44 -21.32 -26.26
CA ILE B 86 7.49 -20.73 -25.46
C ILE B 86 8.42 -21.77 -24.86
N ASP B 87 9.70 -21.58 -25.11
CA ASP B 87 10.72 -22.46 -24.55
C ASP B 87 11.45 -21.61 -23.51
N GLY B 88 11.38 -22.02 -22.25
CA GLY B 88 12.05 -21.29 -21.20
C GLY B 88 11.19 -20.26 -20.48
N ASP B 89 11.85 -19.30 -19.85
CA ASP B 89 11.14 -18.27 -19.12
C ASP B 89 11.04 -16.98 -19.89
N ILE B 90 9.81 -16.48 -19.99
CA ILE B 90 9.58 -15.21 -20.65
C ILE B 90 10.16 -14.10 -19.77
N ILE B 91 10.90 -13.20 -20.40
CA ILE B 91 11.55 -12.13 -19.70
C ILE B 91 11.06 -10.76 -20.09
N GLU B 92 10.41 -10.70 -21.23
CA GLU B 92 9.97 -9.42 -21.71
C GLU B 92 9.01 -9.58 -22.90
N ILE B 93 8.14 -8.61 -23.07
CA ILE B 93 7.25 -8.63 -24.21
C ILE B 93 7.23 -7.20 -24.74
N SER B 94 6.83 -7.04 -25.99
CA SER B 94 6.74 -5.70 -26.55
C SER B 94 5.84 -5.77 -27.76
N GLY B 95 5.57 -4.61 -28.37
CA GLY B 95 4.69 -4.60 -29.51
C GLY B 95 4.26 -3.20 -29.87
N MET B 96 3.14 -3.12 -30.58
CA MET B 96 2.61 -1.86 -31.03
C MET B 96 1.13 -1.73 -30.68
N ILE B 97 0.71 -0.50 -30.50
CA ILE B 97 -0.65 -0.18 -30.16
C ILE B 97 -1.07 0.73 -31.28
N ALA B 98 -2.24 0.49 -31.85
CA ALA B 98 -2.70 1.35 -32.93
C ALA B 98 -4.20 1.33 -32.95
N ASN B 99 -4.77 2.14 -33.81
CA ASN B 99 -6.21 2.19 -33.91
C ASN B 99 -6.81 1.12 -34.80
N TYR B 100 -7.85 0.48 -34.27
CA TYR B 100 -8.57 -0.50 -35.06
C TYR B 100 -10.06 -0.27 -34.83
N LYS B 101 -10.75 0.04 -35.92
CA LYS B 101 -12.18 0.29 -35.91
C LYS B 101 -12.59 1.22 -34.76
N GLY B 102 -11.84 2.31 -34.60
CA GLY B 102 -12.13 3.26 -33.56
C GLY B 102 -11.50 3.08 -32.19
N TYR B 103 -10.86 1.94 -31.94
CA TYR B 103 -10.26 1.74 -30.63
C TYR B 103 -8.75 1.55 -30.67
N ASN B 104 -8.07 2.08 -29.68
CA ASN B 104 -6.65 1.89 -29.62
C ASN B 104 -6.47 0.51 -29.02
N VAL B 105 -5.87 -0.40 -29.78
CA VAL B 105 -5.67 -1.76 -29.30
C VAL B 105 -4.26 -2.28 -29.52
N ILE B 106 -3.98 -3.44 -28.92
CA ILE B 106 -2.71 -4.11 -29.11
C ILE B 106 -2.80 -4.69 -30.55
N ARG B 107 -1.86 -4.32 -31.42
CA ARG B 107 -1.81 -4.78 -32.83
C ARG B 107 -0.68 -5.78 -33.17
N SER B 108 0.40 -5.77 -32.41
CA SER B 108 1.47 -6.72 -32.65
C SER B 108 2.07 -7.02 -31.30
N ILE B 109 2.64 -8.21 -31.19
CA ILE B 109 3.24 -8.58 -29.94
C ILE B 109 4.43 -9.50 -30.16
N LYS B 110 5.48 -9.31 -29.37
CA LYS B 110 6.71 -10.08 -29.43
C LYS B 110 7.04 -10.61 -28.03
N PHE B 111 7.41 -11.88 -27.93
CA PHE B 111 7.74 -12.48 -26.66
C PHE B 111 9.24 -12.76 -26.65
N THR B 112 9.88 -12.44 -25.54
CA THR B 112 11.31 -12.65 -25.42
C THR B 112 11.74 -13.41 -24.15
N THR B 113 12.40 -14.56 -24.34
CA THR B 113 12.90 -15.37 -23.23
C THR B 113 14.38 -15.07 -23.15
N ASN B 114 15.10 -15.79 -22.29
CA ASN B 114 16.54 -15.61 -22.11
C ASN B 114 17.35 -15.82 -23.39
N LYS B 115 17.09 -16.93 -24.07
CA LYS B 115 17.79 -17.26 -25.30
C LYS B 115 17.16 -16.64 -26.57
N LYS B 116 16.09 -17.24 -27.09
CA LYS B 116 15.46 -16.74 -28.31
C LYS B 116 14.29 -15.78 -28.13
N GLU B 117 13.81 -15.29 -29.24
CA GLU B 117 12.69 -14.39 -29.20
C GLU B 117 11.70 -14.75 -30.29
N TYR B 118 10.41 -14.57 -29.96
CA TYR B 118 9.31 -14.89 -30.86
C TYR B 118 8.51 -13.68 -31.29
N GLY B 119 8.51 -13.40 -32.59
CA GLY B 119 7.73 -12.28 -33.07
C GLY B 119 8.63 -11.15 -33.53
N PRO B 120 8.09 -9.95 -33.71
CA PRO B 120 6.69 -9.61 -33.49
C PRO B 120 5.69 -10.18 -34.51
N TYR B 121 4.47 -10.41 -34.04
CA TYR B 121 3.42 -10.93 -34.87
C TYR B 121 2.28 -9.94 -34.90
N GLY B 122 1.71 -9.77 -36.08
CA GLY B 122 0.60 -8.87 -36.23
C GLY B 122 0.98 -7.70 -37.09
N ALA B 123 0.34 -6.57 -36.89
CA ALA B 123 0.62 -5.37 -37.69
C ALA B 123 1.61 -4.53 -36.91
N ASN B 124 2.88 -4.73 -37.21
CA ASN B 124 3.92 -4.01 -36.49
C ASN B 124 4.02 -2.53 -36.92
N ALA B 125 3.04 -1.73 -36.53
CA ALA B 125 2.98 -0.32 -36.86
C ALA B 125 2.18 0.44 -35.79
N GLY B 126 2.57 1.67 -35.50
CA GLY B 126 1.87 2.46 -34.50
C GLY B 126 2.76 2.93 -33.36
N THR B 127 2.23 2.89 -32.12
CA THR B 127 2.94 3.31 -30.90
C THR B 127 3.51 2.10 -30.19
N PRO B 128 4.84 2.07 -30.03
CA PRO B 128 5.51 0.94 -29.38
C PRO B 128 5.36 0.86 -27.87
N PHE B 129 5.31 -0.35 -27.37
CA PHE B 129 5.25 -0.58 -25.93
C PHE B 129 6.30 -1.62 -25.63
N ASN B 130 6.69 -1.62 -24.37
CA ASN B 130 7.71 -2.49 -23.89
C ASN B 130 7.54 -2.83 -22.41
N ILE B 131 7.46 -4.12 -22.13
CA ILE B 131 7.33 -4.63 -20.79
C ILE B 131 8.60 -5.38 -20.42
N LYS B 132 9.42 -4.74 -19.60
CA LYS B 132 10.70 -5.28 -19.14
C LYS B 132 10.63 -5.45 -17.64
N ILE B 133 11.32 -6.47 -17.14
CA ILE B 133 11.34 -6.72 -15.72
C ILE B 133 12.77 -6.66 -15.22
N PRO B 134 12.96 -6.60 -13.91
CA PRO B 134 14.32 -6.56 -13.40
C PRO B 134 15.12 -7.83 -13.67
N ASP B 135 16.42 -7.66 -13.78
CA ASP B 135 17.31 -8.76 -14.01
C ASP B 135 17.11 -9.86 -12.95
N GLY B 136 17.17 -11.12 -13.40
CA GLY B 136 16.98 -12.24 -12.49
C GLY B 136 15.51 -12.57 -12.24
N ASN B 137 14.62 -11.94 -12.98
CA ASN B 137 13.21 -12.22 -12.79
C ASN B 137 12.62 -12.81 -14.05
N LYS B 138 11.42 -13.37 -13.91
CA LYS B 138 10.71 -13.96 -15.02
C LYS B 138 9.25 -13.55 -15.00
N ILE B 139 8.63 -13.54 -16.17
CA ILE B 139 7.24 -13.22 -16.24
C ILE B 139 6.47 -14.53 -16.00
N VAL B 140 5.51 -14.50 -15.07
CA VAL B 140 4.75 -15.71 -14.74
C VAL B 140 3.26 -15.65 -14.95
N GLY B 141 2.81 -14.57 -15.59
CA GLY B 141 1.41 -14.40 -15.88
C GLY B 141 1.15 -13.07 -16.58
N PHE B 142 -0.08 -12.89 -17.03
CA PHE B 142 -0.49 -11.67 -17.71
C PHE B 142 -1.87 -11.24 -17.20
N PHE B 143 -2.14 -9.95 -17.43
CA PHE B 143 -3.41 -9.34 -17.05
C PHE B 143 -3.61 -8.20 -18.05
N GLY B 144 -4.81 -7.64 -18.11
CA GLY B 144 -5.05 -6.55 -19.03
C GLY B 144 -6.53 -6.24 -19.07
N ASN B 145 -6.96 -5.57 -20.13
CA ASN B 145 -8.38 -5.22 -20.38
C ASN B 145 -8.65 -5.73 -21.80
N SER B 146 -9.89 -6.06 -22.10
CA SER B 146 -10.19 -6.53 -23.44
C SER B 146 -11.68 -6.48 -23.64
N GLY B 147 -12.09 -6.66 -24.90
CA GLY B 147 -13.50 -6.67 -25.24
C GLY B 147 -13.52 -7.53 -26.49
N TRP B 148 -13.80 -6.88 -27.61
CA TRP B 148 -13.81 -7.57 -28.89
C TRP B 148 -12.35 -7.71 -29.26
N TYR B 149 -11.52 -6.82 -28.74
CA TYR B 149 -10.08 -6.88 -29.02
C TYR B 149 -9.24 -6.94 -27.74
N VAL B 150 -7.92 -6.98 -27.87
CA VAL B 150 -7.09 -6.98 -26.68
C VAL B 150 -6.67 -5.52 -26.52
N ASP B 151 -7.28 -4.84 -25.54
CA ASP B 151 -7.04 -3.41 -25.31
C ASP B 151 -5.80 -3.01 -24.52
N ALA B 152 -5.41 -3.87 -23.59
CA ALA B 152 -4.29 -3.51 -22.74
C ALA B 152 -3.71 -4.77 -22.15
N ILE B 153 -2.44 -4.70 -21.80
CA ILE B 153 -1.81 -5.87 -21.24
C ILE B 153 -0.68 -5.50 -20.33
N GLY B 154 -0.45 -6.36 -19.34
CA GLY B 154 0.61 -6.19 -18.39
C GLY B 154 1.08 -7.56 -17.95
N ALA B 155 2.17 -7.60 -17.19
CA ALA B 155 2.68 -8.87 -16.73
C ALA B 155 2.92 -8.96 -15.23
N TYR B 156 2.87 -10.18 -14.74
CA TYR B 156 3.19 -10.48 -13.34
C TYR B 156 4.61 -11.08 -13.42
N TYR B 157 5.46 -10.69 -12.47
CA TYR B 157 6.83 -11.24 -12.42
C TYR B 157 7.33 -11.56 -11.00
N THR B 158 8.29 -12.47 -10.92
CA THR B 158 8.87 -12.86 -9.64
C THR B 158 10.31 -13.37 -9.94
N ALA B 159 11.17 -13.43 -8.93
CA ALA B 159 12.56 -13.84 -9.13
C ALA B 159 12.70 -15.24 -9.62
N LYS B 160 13.72 -15.48 -10.43
CA LYS B 160 13.99 -16.82 -10.91
C LYS B 160 14.60 -17.63 -9.77
N ALA C 8 -17.92 -9.75 15.85
CA ALA C 8 -18.28 -9.68 14.40
C ALA C 8 -17.72 -10.86 13.58
N LEU C 9 -17.78 -10.74 12.26
CA LEU C 9 -17.29 -11.80 11.37
C LEU C 9 -15.88 -11.49 10.90
N GLN C 10 -15.10 -12.54 10.60
CA GLN C 10 -13.72 -12.35 10.13
C GLN C 10 -13.83 -12.11 8.60
N LEU C 11 -14.12 -10.86 8.22
CA LEU C 11 -14.29 -10.52 6.80
C LEU C 11 -13.02 -10.11 6.09
N ALA C 12 -12.79 -10.71 4.95
CA ALA C 12 -11.64 -10.37 4.14
C ALA C 12 -11.65 -8.86 3.87
N ALA C 13 -10.47 -8.27 3.96
CA ALA C 13 -10.29 -6.83 3.74
C ALA C 13 -10.20 -6.54 2.25
N HIS C 14 -10.57 -5.33 1.85
CA HIS C 14 -10.56 -4.99 0.42
C HIS C 14 -9.46 -4.04 -0.05
N SER C 15 -9.25 -4.00 -1.36
CA SER C 15 -8.27 -3.09 -1.95
C SER C 15 -9.01 -2.41 -3.08
N ASP C 16 -8.89 -1.09 -3.19
CA ASP C 16 -9.60 -0.36 -4.24
C ASP C 16 -9.14 -0.72 -5.65
N ALA C 17 -9.99 -0.51 -6.64
CA ALA C 17 -9.63 -0.75 -8.03
C ALA C 17 -8.60 0.30 -8.43
N ARG C 18 -7.88 0.01 -9.52
CA ARG C 18 -6.85 0.91 -9.98
C ARG C 18 -7.05 1.26 -11.44
N SER C 19 -6.58 2.44 -11.80
CA SER C 19 -6.62 2.87 -13.18
C SER C 19 -5.19 3.33 -13.46
N GLY C 20 -4.57 2.73 -14.46
CA GLY C 20 -3.21 3.09 -14.79
C GLY C 20 -2.25 2.01 -14.33
N PRO C 21 -0.96 2.32 -14.19
CA PRO C 21 -0.36 3.64 -14.43
C PRO C 21 -0.04 3.95 -15.89
N VAL C 22 0.14 5.25 -16.15
CA VAL C 22 0.54 5.69 -17.49
C VAL C 22 1.88 6.38 -17.32
N GLY C 23 2.67 6.44 -18.40
CA GLY C 23 3.97 7.04 -18.32
C GLY C 23 5.02 5.97 -18.53
N SER C 24 6.15 6.07 -17.82
CA SER C 24 7.25 5.11 -17.97
C SER C 24 7.75 4.49 -16.65
N ASN C 25 8.39 3.32 -16.74
CA ASN C 25 8.94 2.69 -15.56
C ASN C 25 9.93 3.62 -14.86
N GLY C 26 9.96 3.53 -13.53
CA GLY C 26 10.86 4.36 -12.75
C GLY C 26 11.59 3.56 -11.68
N GLY C 27 12.58 4.15 -11.01
CA GLY C 27 13.33 3.42 -10.00
C GLY C 27 12.51 2.93 -8.81
N GLN C 28 11.58 3.75 -8.33
CA GLN C 28 10.81 3.38 -7.16
C GLN C 28 9.33 3.42 -7.44
N PHE C 29 8.60 2.49 -6.84
CA PHE C 29 7.16 2.48 -6.96
C PHE C 29 6.70 3.35 -5.78
N TRP C 30 5.62 4.10 -5.93
CA TRP C 30 5.13 4.88 -4.82
C TRP C 30 3.61 4.82 -4.79
N SER C 31 3.05 4.93 -3.61
CA SER C 31 1.63 4.84 -3.46
C SER C 31 1.18 5.67 -2.31
N PHE C 32 0.05 6.35 -2.50
CA PHE C 32 -0.52 7.20 -1.47
C PHE C 32 -2.05 7.18 -1.54
N ARG C 33 -2.70 6.44 -0.65
CA ARG C 33 -4.15 6.41 -0.66
C ARG C 33 -4.56 6.68 0.77
N PRO C 34 -4.84 7.97 1.08
CA PRO C 34 -5.25 8.36 2.44
C PRO C 34 -6.72 8.09 2.75
N VAL C 35 -7.01 7.90 4.03
CA VAL C 35 -8.37 7.64 4.45
C VAL C 35 -9.27 8.83 4.13
N ARG C 36 -8.80 10.04 4.42
CA ARG C 36 -9.59 11.23 4.11
C ARG C 36 -9.39 11.68 2.67
N PRO C 37 -10.31 12.48 2.13
CA PRO C 37 -10.20 12.96 0.75
C PRO C 37 -8.96 13.80 0.48
N LEU C 38 -8.33 13.57 -0.67
CA LEU C 38 -7.16 14.33 -1.04
C LEU C 38 -7.63 15.76 -1.25
N ASN C 39 -7.03 16.73 -0.57
CA ASN C 39 -7.52 18.10 -0.74
C ASN C 39 -6.49 19.11 -1.23
N LYS C 40 -5.23 18.73 -1.31
CA LYS C 40 -4.24 19.65 -1.79
C LYS C 40 -3.13 18.96 -2.58
N ILE C 41 -2.70 19.61 -3.64
CA ILE C 41 -1.65 19.08 -4.48
C ILE C 41 -0.64 20.19 -4.84
N VAL C 42 0.64 19.95 -4.59
CA VAL C 42 1.65 20.97 -4.90
C VAL C 42 2.58 20.42 -5.97
N LEU C 43 2.60 21.10 -7.11
CA LEU C 43 3.43 20.72 -8.24
C LEU C 43 4.65 21.62 -8.25
N SER C 44 5.83 21.01 -8.24
CA SER C 44 7.07 21.77 -8.23
C SER C 44 7.81 21.61 -9.53
N PHE C 45 8.30 22.70 -10.08
CA PHE C 45 9.01 22.65 -11.35
C PHE C 45 10.34 23.38 -11.29
N SER C 46 11.12 23.19 -12.35
CA SER C 46 12.39 23.89 -12.53
C SER C 46 12.09 24.71 -13.78
N GLY C 47 12.95 25.67 -14.09
CA GLY C 47 12.71 26.50 -15.25
C GLY C 47 11.87 27.70 -14.87
N SER C 48 11.05 28.17 -15.80
CA SER C 48 10.21 29.34 -15.53
C SER C 48 8.97 29.39 -16.43
N PRO C 49 7.89 30.01 -15.92
CA PRO C 49 6.60 30.17 -16.61
C PRO C 49 6.66 30.86 -17.99
N ASP C 50 7.42 31.94 -18.08
CA ASP C 50 7.57 32.68 -19.32
C ASP C 50 8.40 31.89 -20.35
N GLN C 51 8.98 30.79 -19.87
CA GLN C 51 9.83 29.91 -20.69
C GLN C 51 9.14 28.52 -20.87
N THR C 52 9.62 27.50 -20.14
CA THR C 52 9.01 26.17 -20.20
C THR C 52 9.17 25.53 -18.81
N LEU C 53 8.06 25.11 -18.22
CA LEU C 53 8.12 24.50 -16.89
C LEU C 53 8.46 23.02 -16.94
N ASN C 54 9.34 22.57 -16.05
CA ASN C 54 9.72 21.17 -15.99
C ASN C 54 9.28 20.58 -14.67
N LEU C 55 8.25 19.75 -14.73
CA LEU C 55 7.73 19.10 -13.52
C LEU C 55 8.82 18.24 -12.93
N ILE C 56 9.11 18.41 -11.65
CA ILE C 56 10.14 17.57 -11.06
C ILE C 56 9.55 16.70 -9.95
N SER C 57 8.57 17.22 -9.20
CA SER C 57 8.01 16.43 -8.13
C SER C 57 6.61 16.89 -7.80
N ILE C 58 5.86 16.01 -7.16
CA ILE C 58 4.51 16.34 -6.79
C ILE C 58 4.29 15.98 -5.34
N THR C 59 3.50 16.80 -4.64
CA THR C 59 3.17 16.55 -3.26
C THR C 59 1.66 16.47 -3.12
N PHE C 60 1.17 15.33 -2.63
CA PHE C 60 -0.26 15.09 -2.43
C PHE C 60 -0.52 15.11 -0.95
N SER C 61 -1.62 15.72 -0.54
CA SER C 61 -1.89 15.73 0.89
C SER C 61 -3.37 15.67 1.21
N SER C 62 -3.63 15.27 2.43
CA SER C 62 -4.99 15.16 2.92
C SER C 62 -4.98 15.73 4.33
N ASN C 63 -5.97 16.55 4.62
CA ASN C 63 -6.08 17.19 5.94
C ASN C 63 -6.09 16.20 7.10
N PRO C 64 -5.13 16.34 8.03
CA PRO C 64 -4.04 17.34 8.01
C PRO C 64 -2.66 16.71 7.82
N THR C 65 -2.38 15.72 8.67
CA THR C 65 -1.13 14.99 8.73
C THR C 65 -1.02 13.74 7.80
N ASP C 66 -1.33 13.94 6.53
CA ASP C 66 -1.21 12.89 5.51
C ASP C 66 -0.64 13.58 4.29
N ILE C 67 0.60 13.22 3.96
CA ILE C 67 1.32 13.83 2.86
C ILE C 67 2.34 12.91 2.25
N ILE C 68 2.59 13.09 0.95
CA ILE C 68 3.62 12.32 0.25
C ILE C 68 4.23 13.24 -0.83
N THR C 69 5.50 13.00 -1.11
CA THR C 69 6.23 13.77 -2.10
C THR C 69 6.95 12.77 -2.97
N VAL C 70 6.61 12.78 -4.26
CA VAL C 70 7.20 11.82 -5.19
C VAL C 70 8.00 12.57 -6.24
N GLY C 71 9.06 11.93 -6.71
CA GLY C 71 9.97 12.62 -7.62
C GLY C 71 10.82 13.64 -6.82
N GLY C 72 11.61 14.48 -7.52
CA GLY C 72 12.42 15.51 -6.87
C GLY C 72 13.61 15.04 -6.03
N VAL C 73 14.13 13.86 -6.35
CA VAL C 73 15.27 13.26 -5.64
C VAL C 73 16.60 13.77 -6.20
N GLY C 74 16.58 14.28 -7.42
CA GLY C 74 17.79 14.79 -8.06
C GLY C 74 18.25 16.12 -7.51
N PRO C 75 19.35 16.67 -8.06
CA PRO C 75 19.97 17.95 -7.68
C PRO C 75 19.20 19.19 -8.07
N GLU C 76 18.80 19.24 -9.33
CA GLU C 76 18.07 20.36 -9.87
C GLU C 76 17.20 21.11 -8.86
N PRO C 77 17.46 22.42 -8.71
CA PRO C 77 16.70 23.27 -7.78
C PRO C 77 15.30 23.62 -8.28
N LEU C 78 14.34 23.67 -7.37
CA LEU C 78 12.96 24.04 -7.68
C LEU C 78 12.89 25.55 -7.89
N THR C 79 12.25 25.98 -8.97
CA THR C 79 12.16 27.39 -9.25
C THR C 79 10.73 27.88 -9.30
N TYR C 80 9.77 26.95 -9.29
CA TYR C 80 8.37 27.32 -9.33
C TYR C 80 7.45 26.23 -8.78
N THR C 81 6.41 26.65 -8.06
CA THR C 81 5.46 25.70 -7.50
C THR C 81 4.03 26.18 -7.68
N GLU C 82 3.15 25.23 -7.95
CA GLU C 82 1.76 25.52 -8.17
C GLU C 82 0.94 24.77 -7.13
N THR C 83 0.22 25.53 -6.30
CA THR C 83 -0.60 24.91 -5.27
C THR C 83 -2.03 24.76 -5.73
N VAL C 84 -2.50 23.53 -5.77
CA VAL C 84 -3.86 23.29 -6.20
C VAL C 84 -4.69 22.85 -5.01
N ASN C 85 -5.70 23.65 -4.68
CA ASN C 85 -6.57 23.32 -3.58
C ASN C 85 -7.81 22.71 -4.16
N ILE C 86 -7.96 21.42 -3.91
CA ILE C 86 -9.07 20.66 -4.44
C ILE C 86 -10.32 20.81 -3.65
N ASP C 87 -11.42 20.97 -4.39
CA ASP C 87 -12.74 21.08 -3.80
C ASP C 87 -13.61 19.92 -4.30
N GLY C 88 -14.11 19.08 -3.40
CA GLY C 88 -14.94 17.97 -3.86
C GLY C 88 -14.15 16.73 -4.23
N ASP C 89 -14.71 15.86 -5.06
CA ASP C 89 -14.01 14.63 -5.43
C ASP C 89 -13.36 14.66 -6.81
N ILE C 90 -12.07 14.36 -6.88
CA ILE C 90 -11.39 14.30 -8.16
C ILE C 90 -11.99 13.10 -8.89
N ILE C 91 -12.30 13.22 -10.18
CA ILE C 91 -12.86 12.08 -10.90
C ILE C 91 -12.08 11.78 -12.15
N GLU C 92 -11.12 12.63 -12.49
CA GLU C 92 -10.33 12.42 -13.68
C GLU C 92 -9.05 13.26 -13.67
N ILE C 93 -7.94 12.73 -14.19
CA ILE C 93 -6.70 13.52 -14.32
C ILE C 93 -6.19 13.34 -15.75
N SER C 94 -5.47 14.32 -16.29
CA SER C 94 -4.93 14.16 -17.64
C SER C 94 -3.66 14.94 -17.74
N GLY C 95 -2.91 14.77 -18.83
CA GLY C 95 -1.69 15.51 -18.94
C GLY C 95 -0.88 15.03 -20.13
N MET C 96 0.40 15.39 -20.12
CA MET C 96 1.29 15.04 -21.21
C MET C 96 2.55 14.37 -20.72
N ILE C 97 3.06 13.45 -21.52
CA ILE C 97 4.28 12.73 -21.22
C ILE C 97 5.24 13.14 -22.30
N ALA C 98 6.47 13.43 -21.93
CA ALA C 98 7.45 13.83 -22.94
C ALA C 98 8.82 13.61 -22.36
N ASN C 99 9.82 13.66 -23.22
CA ASN C 99 11.20 13.46 -22.79
C ASN C 99 11.77 14.65 -22.04
N TYR C 100 12.56 14.35 -21.03
CA TYR C 100 13.22 15.37 -20.25
C TYR C 100 14.59 14.81 -19.79
N LYS C 101 15.64 15.52 -20.17
CA LYS C 101 17.00 15.13 -19.82
C LYS C 101 17.21 13.64 -19.94
N GLY C 102 16.72 13.09 -21.05
CA GLY C 102 16.88 11.67 -21.33
C GLY C 102 15.86 10.70 -20.71
N TYR C 103 14.71 11.20 -20.30
CA TYR C 103 13.69 10.34 -19.67
C TYR C 103 12.27 10.76 -19.98
N ASN C 104 11.41 9.79 -20.27
CA ASN C 104 10.01 10.10 -20.53
C ASN C 104 9.38 10.21 -19.14
N VAL C 105 8.79 11.36 -18.84
CA VAL C 105 8.21 11.58 -17.54
C VAL C 105 6.93 12.37 -17.70
N ILE C 106 6.16 12.48 -16.63
CA ILE C 106 4.96 13.27 -16.70
C ILE C 106 5.44 14.71 -16.79
N ARG C 107 4.91 15.46 -17.76
CA ARG C 107 5.33 16.84 -18.01
C ARG C 107 4.25 17.86 -17.72
N SER C 108 3.00 17.42 -17.65
CA SER C 108 1.92 18.34 -17.35
C SER C 108 0.79 17.50 -16.83
N ILE C 109 0.00 18.06 -15.95
CA ILE C 109 -1.08 17.32 -15.38
C ILE C 109 -2.23 18.24 -15.11
N LYS C 110 -3.43 17.66 -15.15
CA LYS C 110 -4.66 18.40 -14.94
C LYS C 110 -5.56 17.49 -14.10
N PHE C 111 -6.28 18.09 -13.17
CA PHE C 111 -7.18 17.39 -12.28
C PHE C 111 -8.58 17.91 -12.53
N THR C 112 -9.53 17.00 -12.61
CA THR C 112 -10.91 17.36 -12.87
C THR C 112 -11.83 16.78 -11.82
N THR C 113 -12.68 17.64 -11.27
CA THR C 113 -13.62 17.25 -10.25
C THR C 113 -14.97 17.13 -10.92
N ASN C 114 -16.01 17.11 -10.09
CA ASN C 114 -17.34 16.98 -10.60
C ASN C 114 -17.82 18.22 -11.33
N LYS C 115 -17.30 19.39 -10.95
CA LYS C 115 -17.76 20.61 -11.60
C LYS C 115 -16.67 21.56 -12.09
N LYS C 116 -15.49 21.49 -11.48
CA LYS C 116 -14.37 22.35 -11.85
C LYS C 116 -13.12 21.61 -12.34
N GLU C 117 -12.27 22.34 -13.06
CA GLU C 117 -11.04 21.78 -13.59
C GLU C 117 -9.87 22.58 -13.05
N TYR C 118 -8.73 21.90 -12.93
CA TYR C 118 -7.53 22.52 -12.40
C TYR C 118 -6.34 22.18 -13.30
N GLY C 119 -5.92 23.15 -14.10
CA GLY C 119 -4.81 22.91 -15.00
C GLY C 119 -5.23 22.91 -16.46
N PRO C 120 -4.44 22.29 -17.35
CA PRO C 120 -3.21 21.58 -17.02
C PRO C 120 -2.07 22.51 -16.59
N TYR C 121 -1.18 22.00 -15.74
CA TYR C 121 -0.05 22.78 -15.28
C TYR C 121 1.22 22.11 -15.78
N GLY C 122 2.19 22.91 -16.19
CA GLY C 122 3.44 22.36 -16.68
C GLY C 122 3.57 22.59 -18.17
N ALA C 123 4.48 21.85 -18.81
CA ALA C 123 4.73 21.95 -20.24
C ALA C 123 3.73 21.04 -20.96
N ASN C 124 2.61 21.60 -21.40
CA ASN C 124 1.57 20.83 -22.06
C ASN C 124 1.91 20.55 -23.52
N ALA C 125 2.78 19.57 -23.74
CA ALA C 125 3.20 19.20 -25.06
C ALA C 125 3.74 17.79 -25.04
N GLY C 126 3.35 16.98 -26.02
CA GLY C 126 3.85 15.62 -26.07
C GLY C 126 2.76 14.57 -26.18
N THR C 127 3.03 13.38 -25.63
CA THR C 127 2.05 12.30 -25.69
C THR C 127 1.00 12.45 -24.62
N PRO C 128 -0.25 12.64 -25.02
CA PRO C 128 -1.32 12.79 -24.04
C PRO C 128 -1.71 11.52 -23.29
N PHE C 129 -2.30 11.74 -22.13
CA PHE C 129 -2.80 10.65 -21.30
C PHE C 129 -3.94 11.18 -20.47
N ASN C 130 -4.75 10.27 -20.00
CA ASN C 130 -5.80 10.66 -19.09
C ASN C 130 -6.35 9.44 -18.40
N ILE C 131 -6.65 9.66 -17.13
CA ILE C 131 -7.16 8.64 -16.29
C ILE C 131 -8.61 8.95 -16.05
N LYS C 132 -9.43 8.07 -16.57
CA LYS C 132 -10.86 8.20 -16.39
C LYS C 132 -11.29 6.99 -15.57
N ILE C 133 -12.39 7.18 -14.83
CA ILE C 133 -12.94 6.12 -14.00
C ILE C 133 -14.43 6.01 -14.33
N PRO C 134 -15.04 4.89 -13.96
CA PRO C 134 -16.48 4.71 -14.23
C PRO C 134 -17.29 5.79 -13.54
N ASP C 135 -18.39 6.19 -14.14
CA ASP C 135 -19.18 7.23 -13.52
C ASP C 135 -19.75 6.80 -12.19
N GLY C 136 -19.88 7.75 -11.27
CA GLY C 136 -20.38 7.40 -9.94
C GLY C 136 -19.23 7.04 -8.98
N ASN C 137 -18.01 7.03 -9.49
CA ASN C 137 -16.82 6.73 -8.72
C ASN C 137 -16.00 7.99 -8.52
N LYS C 138 -15.04 7.92 -7.60
CA LYS C 138 -14.14 9.03 -7.30
C LYS C 138 -12.72 8.50 -7.12
N ILE C 139 -11.75 9.36 -7.38
CA ILE C 139 -10.36 8.97 -7.24
C ILE C 139 -10.02 9.29 -5.78
N VAL C 140 -9.50 8.31 -5.06
CA VAL C 140 -9.18 8.51 -3.66
C VAL C 140 -7.70 8.38 -3.32
N GLY C 141 -6.89 8.24 -4.36
CA GLY C 141 -5.45 8.11 -4.14
C GLY C 141 -4.71 7.96 -5.46
N PHE C 142 -3.40 7.98 -5.37
CA PHE C 142 -2.55 7.88 -6.54
C PHE C 142 -1.37 6.97 -6.27
N PHE C 143 -0.79 6.43 -7.34
CA PHE C 143 0.37 5.56 -7.20
C PHE C 143 1.17 5.76 -8.47
N GLY C 144 2.39 5.21 -8.54
CA GLY C 144 3.18 5.36 -9.75
C GLY C 144 4.61 4.99 -9.55
N ASN C 145 5.46 5.55 -10.41
CA ASN C 145 6.91 5.35 -10.35
C ASN C 145 7.54 6.74 -10.32
N SER C 146 8.73 6.85 -9.75
CA SER C 146 9.40 8.12 -9.68
C SER C 146 10.84 7.86 -9.31
N GLY C 147 11.63 8.92 -9.49
CA GLY C 147 13.05 8.92 -9.20
C GLY C 147 13.37 10.39 -9.05
N TRP C 148 14.12 10.95 -9.98
CA TRP C 148 14.44 12.36 -9.95
C TRP C 148 13.19 13.09 -10.36
N TYR C 149 12.41 12.41 -11.20
CA TYR C 149 11.18 12.98 -11.69
C TYR C 149 9.98 12.04 -11.43
N VAL C 150 8.78 12.46 -11.84
CA VAL C 150 7.59 11.66 -11.68
C VAL C 150 7.46 10.91 -13.02
N ASP C 151 7.85 9.65 -13.00
CA ASP C 151 7.86 8.82 -14.20
C ASP C 151 6.51 8.26 -14.66
N ALA C 152 5.69 7.81 -13.73
CA ALA C 152 4.40 7.24 -14.06
C ALA C 152 3.42 7.57 -12.97
N ILE C 153 2.16 7.54 -13.35
CA ILE C 153 1.12 7.81 -12.43
C ILE C 153 -0.16 7.07 -12.76
N GLY C 154 -0.88 6.74 -11.68
CA GLY C 154 -2.15 6.05 -11.76
C GLY C 154 -2.97 6.41 -10.53
N ALA C 155 -4.20 5.92 -10.53
CA ALA C 155 -5.13 6.25 -9.47
C ALA C 155 -5.92 5.08 -8.89
N TYR C 156 -6.31 5.26 -7.62
CA TYR C 156 -7.14 4.31 -6.92
C TYR C 156 -8.49 5.01 -6.95
N TYR C 157 -9.55 4.23 -7.11
CA TYR C 157 -10.89 4.77 -7.15
C TYR C 157 -11.86 3.82 -6.53
N THR C 158 -13.01 4.35 -6.12
CA THR C 158 -14.04 3.58 -5.50
C THR C 158 -15.32 4.40 -5.71
N ALA C 159 -16.47 3.76 -5.57
CA ALA C 159 -17.77 4.40 -5.74
C ALA C 159 -18.06 5.49 -4.70
N LYS C 160 -18.76 6.55 -5.12
CA LYS C 160 -19.17 7.60 -4.16
C LYS C 160 -20.37 7.00 -3.38
N ALA D 8 5.01 8.34 -28.06
CA ALA D 8 6.11 8.04 -27.10
C ALA D 8 6.00 6.61 -26.58
N LEU D 9 7.14 5.93 -26.46
CA LEU D 9 7.16 4.54 -25.99
C LEU D 9 6.58 4.28 -24.58
N GLN D 10 5.60 3.38 -24.53
CA GLN D 10 4.96 3.02 -23.27
C GLN D 10 5.84 1.99 -22.55
N LEU D 11 6.85 2.45 -21.83
CA LEU D 11 7.71 1.52 -21.09
C LEU D 11 7.05 1.18 -19.74
N ALA D 12 6.43 0.01 -19.74
CA ALA D 12 5.69 -0.50 -18.61
C ALA D 12 6.26 -0.13 -17.24
N ALA D 13 5.42 0.48 -16.41
CA ALA D 13 5.83 0.90 -15.07
C ALA D 13 5.50 -0.21 -14.07
N HIS D 14 6.33 -0.41 -13.06
CA HIS D 14 6.09 -1.51 -12.11
C HIS D 14 5.41 -1.14 -10.80
N SER D 15 4.81 -2.16 -10.19
CA SER D 15 4.14 -2.02 -8.89
C SER D 15 4.72 -3.12 -7.97
N ASP D 16 5.10 -2.78 -6.75
CA ASP D 16 5.68 -3.77 -5.84
C ASP D 16 4.76 -4.91 -5.42
N ALA D 17 5.36 -6.06 -5.20
CA ALA D 17 4.66 -7.23 -4.70
C ALA D 17 4.08 -6.84 -3.36
N ARG D 18 3.13 -7.64 -2.93
CA ARG D 18 2.38 -7.47 -1.70
C ARG D 18 2.30 -8.71 -0.86
N SER D 19 2.19 -8.47 0.44
CA SER D 19 1.96 -9.53 1.40
C SER D 19 0.80 -9.05 2.26
N GLY D 20 -0.27 -9.85 2.27
CA GLY D 20 -1.44 -9.54 3.04
C GLY D 20 -2.52 -8.92 2.20
N PRO D 21 -3.45 -8.16 2.81
CA PRO D 21 -3.56 -7.81 4.23
C PRO D 21 -4.08 -8.94 5.11
N VAL D 22 -3.83 -8.79 6.40
CA VAL D 22 -4.30 -9.72 7.41
C VAL D 22 -5.16 -8.80 8.30
N GLY D 23 -6.09 -9.39 9.01
CA GLY D 23 -6.97 -8.58 9.83
C GLY D 23 -8.33 -8.69 9.18
N SER D 24 -9.14 -7.65 9.27
CA SER D 24 -10.49 -7.75 8.77
C SER D 24 -10.90 -6.53 7.98
N ASN D 25 -11.99 -6.65 7.24
CA ASN D 25 -12.46 -5.56 6.39
C ASN D 25 -12.87 -4.30 7.16
N GLY D 26 -12.55 -3.15 6.59
CA GLY D 26 -12.86 -1.87 7.21
C GLY D 26 -13.50 -0.98 6.16
N GLY D 27 -14.01 0.17 6.56
CA GLY D 27 -14.67 1.04 5.60
C GLY D 27 -13.78 1.69 4.57
N GLN D 28 -12.52 1.93 4.89
CA GLN D 28 -11.67 2.57 3.90
C GLN D 28 -10.37 1.80 3.61
N PHE D 29 -10.01 1.67 2.35
CA PHE D 29 -8.74 1.04 2.00
C PHE D 29 -7.75 2.21 2.18
N TRP D 30 -6.51 1.92 2.61
CA TRP D 30 -5.46 2.94 2.77
C TRP D 30 -4.15 2.35 2.23
N SER D 31 -3.19 3.20 1.89
CA SER D 31 -1.95 2.71 1.30
C SER D 31 -0.86 3.77 1.38
N PHE D 32 0.32 3.34 1.78
CA PHE D 32 1.44 4.26 1.94
C PHE D 32 2.76 3.58 1.60
N ARG D 33 3.33 3.97 0.47
CA ARG D 33 4.58 3.41 -0.01
C ARG D 33 5.40 4.61 -0.45
N PRO D 34 6.23 5.16 0.44
CA PRO D 34 7.08 6.31 0.16
C PRO D 34 8.37 5.97 -0.56
N VAL D 35 8.93 6.96 -1.25
CA VAL D 35 10.16 6.80 -2.03
C VAL D 35 11.36 6.51 -1.11
N ARG D 36 11.39 7.16 0.05
CA ARG D 36 12.48 6.97 1.01
C ARG D 36 12.04 6.00 2.11
N PRO D 37 12.97 5.27 2.71
CA PRO D 37 12.63 4.31 3.78
C PRO D 37 11.84 4.90 4.95
N LEU D 38 10.93 4.12 5.50
CA LEU D 38 10.16 4.54 6.67
C LEU D 38 11.15 4.64 7.82
N ASN D 39 11.10 5.69 8.63
CA ASN D 39 12.04 5.78 9.74
C ASN D 39 11.35 6.09 11.07
N LYS D 40 10.05 6.33 11.03
CA LYS D 40 9.33 6.66 12.25
C LYS D 40 7.89 6.11 12.28
N ILE D 41 7.54 5.53 13.40
CA ILE D 41 6.20 5.01 13.61
C ILE D 41 5.67 5.51 14.96
N VAL D 42 4.47 6.07 14.93
CA VAL D 42 3.82 6.62 16.12
C VAL D 42 2.52 5.87 16.36
N LEU D 43 2.44 5.17 17.49
CA LEU D 43 1.26 4.40 17.82
C LEU D 43 0.44 5.07 18.94
N SER D 44 -0.87 5.16 18.76
CA SER D 44 -1.74 5.78 19.74
C SER D 44 -2.78 4.81 20.27
N PHE D 45 -3.02 4.84 21.58
CA PHE D 45 -3.94 3.91 22.21
C PHE D 45 -4.92 4.61 23.14
N SER D 46 -5.95 3.87 23.52
CA SER D 46 -6.90 4.37 24.51
C SER D 46 -6.56 3.36 25.61
N GLY D 47 -7.26 3.41 26.74
CA GLY D 47 -6.99 2.50 27.85
C GLY D 47 -5.66 2.80 28.57
N SER D 48 -5.05 1.77 29.14
CA SER D 48 -3.76 1.92 29.81
C SER D 48 -3.20 0.54 30.14
N PRO D 49 -1.91 0.47 30.52
CA PRO D 49 -1.32 -0.84 30.86
C PRO D 49 -2.11 -1.56 31.99
N ASP D 50 -2.42 -0.83 33.04
CA ASP D 50 -3.18 -1.37 34.17
C ASP D 50 -4.37 -2.20 33.71
N GLN D 51 -5.08 -1.70 32.72
CA GLN D 51 -6.23 -2.39 32.19
C GLN D 51 -5.80 -3.10 30.89
N THR D 52 -5.62 -2.29 29.86
CA THR D 52 -5.22 -2.79 28.56
C THR D 52 -5.13 -1.62 27.59
N LEU D 53 -4.17 -1.67 26.68
CA LEU D 53 -4.02 -0.64 25.68
C LEU D 53 -4.79 -1.04 24.45
N ASN D 54 -5.69 -0.15 23.99
CA ASN D 54 -6.49 -0.39 22.80
C ASN D 54 -5.90 0.41 21.67
N LEU D 55 -5.29 -0.30 20.72
CA LEU D 55 -4.66 0.34 19.57
C LEU D 55 -5.75 1.06 18.79
N ILE D 56 -5.51 2.34 18.51
CA ILE D 56 -6.47 3.16 17.78
C ILE D 56 -5.97 3.62 16.43
N SER D 57 -4.71 4.04 16.39
CA SER D 57 -4.14 4.51 15.14
C SER D 57 -2.64 4.30 15.07
N ILE D 58 -2.11 4.36 13.86
CA ILE D 58 -0.68 4.22 13.63
C ILE D 58 -0.32 5.25 12.58
N THR D 59 0.79 5.93 12.78
CA THR D 59 1.26 6.94 11.87
C THR D 59 2.64 6.53 11.39
N PHE D 60 2.78 6.42 10.08
CA PHE D 60 4.02 6.00 9.42
C PHE D 60 4.66 7.19 8.74
N SER D 61 5.96 7.38 8.87
CA SER D 61 6.59 8.50 8.20
C SER D 61 8.00 8.16 7.72
N SER D 62 8.42 8.92 6.71
CA SER D 62 9.75 8.80 6.12
C SER D 62 10.52 10.06 6.34
N ASN D 63 9.79 11.10 6.72
CA ASN D 63 10.35 12.41 7.03
C ASN D 63 9.11 13.30 7.22
N PRO D 64 9.29 14.61 7.49
CA PRO D 64 8.10 15.45 7.67
C PRO D 64 7.26 15.61 6.40
N THR D 65 7.81 15.27 5.24
CA THR D 65 7.04 15.40 4.01
C THR D 65 6.42 14.07 3.50
N ASP D 66 6.48 13.02 4.31
CA ASP D 66 5.90 11.74 3.93
C ASP D 66 5.35 11.05 5.16
N ILE D 67 4.04 11.20 5.37
CA ILE D 67 3.35 10.68 6.55
C ILE D 67 1.93 10.18 6.23
N ILE D 68 1.46 9.18 6.96
CA ILE D 68 0.10 8.73 6.78
C ILE D 68 -0.38 8.29 8.14
N THR D 69 -1.67 8.52 8.42
CA THR D 69 -2.26 8.18 9.69
C THR D 69 -3.48 7.32 9.36
N VAL D 70 -3.56 6.13 9.96
CA VAL D 70 -4.64 5.19 9.72
C VAL D 70 -5.27 4.88 11.05
N GLY D 71 -6.61 4.81 11.05
CA GLY D 71 -7.36 4.59 12.27
C GLY D 71 -7.51 5.95 12.99
N GLY D 72 -8.22 6.00 14.11
CA GLY D 72 -8.36 7.24 14.87
C GLY D 72 -9.37 8.27 14.40
N VAL D 73 -10.23 7.88 13.47
CA VAL D 73 -11.25 8.78 12.96
C VAL D 73 -12.45 8.89 13.91
N GLY D 74 -12.50 7.96 14.87
CA GLY D 74 -13.56 7.95 15.86
C GLY D 74 -13.39 8.98 16.99
N PRO D 75 -14.44 9.15 17.81
CA PRO D 75 -14.50 10.09 18.95
C PRO D 75 -13.79 9.69 20.22
N GLU D 76 -13.40 8.42 20.32
CA GLU D 76 -12.75 7.94 21.53
C GLU D 76 -11.44 8.69 21.78
N PRO D 77 -11.30 9.24 22.98
CA PRO D 77 -10.10 10.00 23.39
C PRO D 77 -8.86 9.10 23.50
N LEU D 78 -7.75 9.56 22.94
CA LEU D 78 -6.48 8.82 23.02
C LEU D 78 -5.93 9.05 24.46
N THR D 79 -5.21 8.07 25.02
CA THR D 79 -4.63 8.24 26.36
C THR D 79 -3.11 8.03 26.35
N TYR D 80 -2.59 7.26 25.38
CA TYR D 80 -1.15 6.97 25.29
C TYR D 80 -0.67 6.90 23.87
N THR D 81 0.44 7.60 23.63
CA THR D 81 1.05 7.59 22.32
C THR D 81 2.52 7.32 22.54
N GLU D 82 3.12 6.63 21.59
CA GLU D 82 4.53 6.31 21.61
C GLU D 82 5.14 6.46 20.22
N THR D 83 6.26 7.16 20.17
CA THR D 83 6.98 7.41 18.96
C THR D 83 8.28 6.60 18.91
N VAL D 84 8.37 5.75 17.89
CA VAL D 84 9.48 4.84 17.69
C VAL D 84 10.33 5.21 16.44
N ASN D 85 11.65 5.14 16.57
CA ASN D 85 12.54 5.41 15.47
C ASN D 85 12.95 4.09 14.85
N ILE D 86 12.61 3.89 13.57
CA ILE D 86 12.90 2.64 12.90
C ILE D 86 14.27 2.69 12.28
N ASP D 87 15.14 1.82 12.77
CA ASP D 87 16.50 1.74 12.25
C ASP D 87 16.60 0.54 11.30
N GLY D 88 16.92 0.84 10.03
CA GLY D 88 17.09 -0.18 9.02
C GLY D 88 15.82 -0.57 8.28
N ASP D 89 15.89 -1.62 7.48
CA ASP D 89 14.72 -2.09 6.73
C ASP D 89 13.86 -3.06 7.53
N ILE D 90 12.55 -2.86 7.49
CA ILE D 90 11.64 -3.74 8.14
C ILE D 90 11.67 -5.05 7.31
N ILE D 91 11.63 -6.19 7.96
CA ILE D 91 11.70 -7.47 7.30
C ILE D 91 10.53 -8.37 7.67
N GLU D 92 9.88 -8.06 8.78
CA GLU D 92 8.76 -8.84 9.26
C GLU D 92 7.93 -8.03 10.27
N ILE D 93 6.65 -8.37 10.40
CA ILE D 93 5.81 -7.76 11.43
C ILE D 93 4.88 -8.86 11.88
N SER D 94 4.45 -8.78 13.13
CA SER D 94 3.49 -9.75 13.66
C SER D 94 2.61 -9.00 14.68
N GLY D 95 1.60 -9.67 15.21
CA GLY D 95 0.73 -9.02 16.15
C GLY D 95 -0.48 -9.87 16.46
N MET D 96 -1.46 -9.25 17.09
CA MET D 96 -2.70 -9.93 17.48
C MET D 96 -3.92 -9.21 16.93
N ILE D 97 -4.92 -9.99 16.59
CA ILE D 97 -6.19 -9.48 16.10
C ILE D 97 -7.26 -9.95 17.09
N ALA D 98 -8.22 -9.08 17.39
CA ALA D 98 -9.30 -9.44 18.33
C ALA D 98 -10.40 -8.39 18.22
N ASN D 99 -11.55 -8.72 18.80
CA ASN D 99 -12.71 -7.87 18.80
C ASN D 99 -12.55 -6.67 19.73
N TYR D 100 -12.83 -5.50 19.21
CA TYR D 100 -12.81 -4.31 20.05
C TYR D 100 -14.08 -3.57 19.70
N LYS D 101 -15.00 -3.53 20.65
CA LYS D 101 -16.29 -2.84 20.47
C LYS D 101 -17.02 -3.25 19.21
N GLY D 102 -17.12 -4.55 18.99
CA GLY D 102 -17.85 -5.06 17.84
C GLY D 102 -17.08 -5.25 16.54
N TYR D 103 -15.79 -4.93 16.54
CA TYR D 103 -15.00 -5.06 15.30
C TYR D 103 -13.67 -5.81 15.49
N ASN D 104 -13.35 -6.71 14.55
CA ASN D 104 -12.10 -7.41 14.66
C ASN D 104 -11.08 -6.46 14.14
N VAL D 105 -10.11 -6.15 14.99
CA VAL D 105 -9.10 -5.19 14.64
C VAL D 105 -7.71 -5.60 15.02
N ILE D 106 -6.74 -4.90 14.48
CA ILE D 106 -5.36 -5.17 14.85
C ILE D 106 -5.22 -4.57 16.26
N ARG D 107 -4.80 -5.42 17.19
CA ARG D 107 -4.67 -5.08 18.59
C ARG D 107 -3.23 -4.93 19.08
N SER D 108 -2.28 -5.53 18.39
CA SER D 108 -0.87 -5.36 18.79
C SER D 108 -0.04 -5.53 17.57
N ILE D 109 1.12 -4.92 17.58
CA ILE D 109 1.99 -5.00 16.44
C ILE D 109 3.47 -4.97 16.86
N LYS D 110 4.27 -5.70 16.10
CA LYS D 110 5.68 -5.82 16.37
C LYS D 110 6.44 -5.76 15.05
N PHE D 111 7.42 -4.87 15.00
CA PHE D 111 8.20 -4.70 13.80
C PHE D 111 9.62 -5.27 14.01
N THR D 112 10.13 -5.96 12.98
CA THR D 112 11.47 -6.54 13.01
C THR D 112 12.24 -6.07 11.76
N THR D 113 13.39 -5.46 11.97
CA THR D 113 14.23 -4.98 10.90
C THR D 113 15.49 -5.81 11.05
N ASN D 114 16.46 -5.57 10.17
CA ASN D 114 17.74 -6.27 10.19
C ASN D 114 18.63 -5.73 11.32
N LYS D 115 18.14 -4.78 12.10
CA LYS D 115 18.93 -4.22 13.20
C LYS D 115 18.38 -4.53 14.61
N LYS D 116 17.06 -4.54 14.75
CA LYS D 116 16.45 -4.82 16.05
C LYS D 116 14.95 -4.97 15.96
N GLU D 117 14.35 -5.33 17.11
CA GLU D 117 12.92 -5.52 17.24
C GLU D 117 12.30 -4.30 17.92
N TYR D 118 11.05 -4.04 17.55
CA TYR D 118 10.30 -2.93 18.10
C TYR D 118 8.93 -3.50 18.49
N GLY D 119 8.64 -3.45 19.79
CA GLY D 119 7.37 -3.95 20.27
C GLY D 119 7.51 -5.31 20.93
N PRO D 120 6.41 -6.04 21.11
CA PRO D 120 5.04 -5.64 20.74
C PRO D 120 4.44 -4.39 21.45
N TYR D 121 3.58 -3.67 20.74
CA TYR D 121 2.86 -2.54 21.31
C TYR D 121 1.35 -2.83 21.20
N GLY D 122 0.65 -2.84 22.33
CA GLY D 122 -0.79 -3.08 22.27
C GLY D 122 -1.28 -4.16 23.20
N ALA D 123 -2.42 -4.74 22.90
CA ALA D 123 -2.96 -5.78 23.79
C ALA D 123 -2.66 -7.19 23.31
N ASN D 124 -2.19 -8.03 24.25
CA ASN D 124 -1.88 -9.41 23.92
C ASN D 124 -3.06 -10.30 24.17
N ALA D 125 -3.65 -10.80 23.09
CA ALA D 125 -4.78 -11.69 23.20
C ALA D 125 -5.51 -11.65 21.87
N GLY D 126 -6.05 -12.78 21.47
CA GLY D 126 -6.74 -12.84 20.22
C GLY D 126 -5.94 -13.73 19.28
N THR D 127 -6.22 -13.60 18.00
CA THR D 127 -5.57 -14.38 16.97
C THR D 127 -4.31 -13.70 16.47
N PRO D 128 -3.27 -14.49 16.26
CA PRO D 128 -2.00 -13.94 15.77
C PRO D 128 -1.94 -13.82 14.27
N PHE D 129 -1.03 -12.96 13.81
CA PHE D 129 -0.78 -12.74 12.39
C PHE D 129 0.71 -12.43 12.19
N ASN D 130 1.20 -12.63 10.98
CA ASN D 130 2.54 -12.20 10.68
C ASN D 130 2.85 -12.17 9.23
N ILE D 131 3.55 -11.11 8.91
CA ILE D 131 3.94 -10.81 7.58
C ILE D 131 5.40 -11.10 7.46
N LYS D 132 5.69 -12.04 6.55
CA LYS D 132 7.04 -12.49 6.25
C LYS D 132 7.25 -12.36 4.76
N ILE D 133 8.48 -12.05 4.39
CA ILE D 133 8.79 -11.90 3.01
C ILE D 133 9.92 -12.82 2.60
N PRO D 134 10.13 -12.99 1.30
CA PRO D 134 11.23 -13.90 0.95
C PRO D 134 12.61 -13.40 1.37
N ASP D 135 13.57 -14.33 1.47
CA ASP D 135 14.93 -13.90 1.81
C ASP D 135 15.35 -12.85 0.77
N GLY D 136 16.19 -11.90 1.22
CA GLY D 136 16.72 -10.86 0.37
C GLY D 136 15.81 -9.69 0.02
N ASN D 137 14.65 -9.65 0.65
CA ASN D 137 13.71 -8.59 0.40
C ASN D 137 13.56 -7.72 1.65
N LYS D 138 12.95 -6.55 1.44
CA LYS D 138 12.67 -5.60 2.46
C LYS D 138 11.25 -5.09 2.25
N ILE D 139 10.64 -4.65 3.34
CA ILE D 139 9.30 -4.07 3.30
C ILE D 139 9.53 -2.57 3.08
N VAL D 140 8.81 -2.03 2.12
CA VAL D 140 8.94 -0.63 1.76
C VAL D 140 7.68 0.21 1.86
N GLY D 141 6.60 -0.37 2.37
CA GLY D 141 5.38 0.37 2.52
C GLY D 141 4.32 -0.51 3.16
N PHE D 142 3.20 0.09 3.51
CA PHE D 142 2.08 -0.65 4.12
C PHE D 142 0.77 -0.22 3.49
N PHE D 143 -0.25 -1.06 3.62
CA PHE D 143 -1.57 -0.71 3.10
C PHE D 143 -2.54 -1.45 3.98
N GLY D 144 -3.83 -1.19 3.86
CA GLY D 144 -4.76 -1.91 4.72
C GLY D 144 -6.17 -1.34 4.68
N ASN D 145 -6.90 -1.59 5.75
CA ASN D 145 -8.25 -1.02 5.86
C ASN D 145 -8.26 -0.37 7.25
N SER D 146 -9.07 0.67 7.40
CA SER D 146 -9.17 1.33 8.71
C SER D 146 -10.43 2.16 8.75
N GLY D 147 -10.77 2.57 9.97
CA GLY D 147 -11.94 3.40 10.23
C GLY D 147 -11.61 4.08 11.57
N TRP D 148 -12.38 3.79 12.61
CA TRP D 148 -12.06 4.36 13.89
C TRP D 148 -10.80 3.65 14.41
N TYR D 149 -10.59 2.43 13.92
CA TYR D 149 -9.46 1.58 14.33
C TYR D 149 -8.64 1.12 13.15
N VAL D 150 -7.58 0.36 13.43
CA VAL D 150 -6.76 -0.22 12.36
C VAL D 150 -7.32 -1.65 12.20
N ASP D 151 -8.09 -1.84 11.12
CA ASP D 151 -8.77 -3.12 10.82
C ASP D 151 -7.94 -4.16 10.13
N ALA D 152 -7.11 -3.70 9.18
CA ALA D 152 -6.31 -4.63 8.42
C ALA D 152 -5.03 -4.03 7.93
N ILE D 153 -4.01 -4.86 7.80
CA ILE D 153 -2.77 -4.33 7.32
C ILE D 153 -2.03 -5.37 6.50
N GLY D 154 -1.26 -4.87 5.54
CA GLY D 154 -0.44 -5.68 4.64
C GLY D 154 0.78 -4.83 4.28
N ALA D 155 1.74 -5.43 3.58
CA ALA D 155 2.95 -4.74 3.22
C ALA D 155 3.35 -4.85 1.76
N TYR D 156 4.12 -3.85 1.32
CA TYR D 156 4.71 -3.81 0.00
C TYR D 156 6.14 -4.18 0.26
N TYR D 157 6.70 -5.05 -0.57
CA TYR D 157 8.10 -5.47 -0.42
C TYR D 157 8.79 -5.58 -1.77
N THR D 158 10.13 -5.52 -1.75
CA THR D 158 10.94 -5.60 -2.96
C THR D 158 12.34 -6.07 -2.54
N ALA D 159 13.15 -6.48 -3.51
CA ALA D 159 14.50 -6.98 -3.24
C ALA D 159 15.48 -5.92 -2.73
N LYS D 160 16.31 -6.28 -1.76
CA LYS D 160 17.30 -5.33 -1.25
C LYS D 160 18.30 -5.08 -2.41
N GLN E 10 44.80 19.71 40.63
CA GLN E 10 44.12 21.03 40.85
C GLN E 10 43.73 21.71 39.51
N LEU E 11 43.38 20.84 38.56
CA LEU E 11 42.94 21.27 37.24
C LEU E 11 41.44 21.70 37.24
N ALA E 12 41.17 23.01 37.15
CA ALA E 12 39.81 23.55 37.15
C ALA E 12 38.81 22.81 36.26
N ALA E 13 37.71 22.45 36.88
CA ALA E 13 36.65 21.72 36.22
C ALA E 13 35.71 22.68 35.50
N HIS E 14 35.04 22.17 34.47
CA HIS E 14 34.17 23.02 33.66
C HIS E 14 32.67 22.80 33.81
N SER E 15 31.93 23.77 33.31
CA SER E 15 30.48 23.73 33.29
C SER E 15 29.99 24.12 31.89
N ASP E 16 29.14 23.32 31.29
CA ASP E 16 28.61 23.59 29.95
C ASP E 16 27.89 24.92 29.82
N ALA E 17 27.98 25.51 28.63
CA ALA E 17 27.29 26.77 28.27
C ALA E 17 25.79 26.50 28.42
N ARG E 18 25.00 27.56 28.52
CA ARG E 18 23.55 27.37 28.64
C ARG E 18 22.80 28.28 27.68
N SER E 19 21.59 27.88 27.36
CA SER E 19 20.72 28.65 26.51
C SER E 19 19.39 28.76 27.27
N GLY E 20 19.01 29.98 27.62
CA GLY E 20 17.75 30.16 28.34
C GLY E 20 17.99 30.44 29.81
N PRO E 21 17.02 30.14 30.68
CA PRO E 21 15.73 29.56 30.34
C PRO E 21 14.70 30.54 29.77
N VAL E 22 13.62 29.96 29.25
CA VAL E 22 12.50 30.72 28.73
C VAL E 22 11.32 30.25 29.54
N GLY E 23 10.28 31.06 29.58
CA GLY E 23 9.13 30.70 30.37
C GLY E 23 9.01 31.64 31.54
N SER E 24 8.50 31.15 32.66
CA SER E 24 8.30 32.01 33.83
C SER E 24 8.88 31.42 35.11
N ASN E 25 9.19 32.30 36.05
CA ASN E 25 9.73 31.86 37.30
C ASN E 25 8.80 30.83 37.96
N GLY E 26 9.39 29.83 38.61
CA GLY E 26 8.60 28.81 39.28
C GLY E 26 9.13 28.57 40.68
N GLY E 27 8.46 27.76 41.49
CA GLY E 27 8.94 27.57 42.86
C GLY E 27 10.28 26.88 43.06
N GLN E 28 10.57 25.86 42.26
CA GLN E 28 11.81 25.13 42.39
C GLN E 28 12.63 25.17 41.14
N PHE E 29 13.93 25.25 41.31
CA PHE E 29 14.84 25.21 40.18
C PHE E 29 15.12 23.70 39.99
N TRP E 30 15.33 23.27 38.75
CA TRP E 30 15.67 21.88 38.46
C TRP E 30 16.72 21.86 37.37
N SER E 31 17.53 20.82 37.39
CA SER E 31 18.60 20.68 36.44
C SER E 31 18.86 19.20 36.25
N PHE E 32 19.09 18.85 34.99
CA PHE E 32 19.38 17.48 34.61
C PHE E 32 20.33 17.46 33.39
N ARG E 33 21.59 17.15 33.64
CA ARG E 33 22.61 17.08 32.61
C ARG E 33 23.31 15.76 32.83
N PRO E 34 22.82 14.68 32.20
CA PRO E 34 23.41 13.34 32.34
C PRO E 34 24.66 13.15 31.50
N VAL E 35 25.49 12.18 31.88
CA VAL E 35 26.71 11.89 31.18
C VAL E 35 26.37 11.34 29.80
N ARG E 36 25.51 10.34 29.74
CA ARG E 36 25.12 9.74 28.47
C ARG E 36 24.01 10.55 27.81
N PRO E 37 23.89 10.46 26.47
CA PRO E 37 22.83 11.23 25.78
C PRO E 37 21.39 10.89 26.13
N LEU E 38 20.55 11.92 26.13
CA LEU E 38 19.13 11.75 26.40
C LEU E 38 18.59 10.78 25.36
N ASN E 39 17.81 9.79 25.77
CA ASN E 39 17.31 8.90 24.75
C ASN E 39 15.78 8.76 24.82
N LYS E 40 15.19 9.36 25.86
CA LYS E 40 13.75 9.27 26.00
C LYS E 40 13.12 10.45 26.71
N ILE E 41 12.00 10.93 26.19
CA ILE E 41 11.26 12.01 26.81
C ILE E 41 9.80 11.58 26.92
N VAL E 42 9.22 11.71 28.11
CA VAL E 42 7.82 11.37 28.33
C VAL E 42 7.09 12.64 28.81
N LEU E 43 6.13 13.11 28.03
CA LEU E 43 5.32 14.30 28.37
C LEU E 43 3.95 13.88 28.91
N SER E 44 3.59 14.36 30.09
CA SER E 44 2.30 13.98 30.68
C SER E 44 1.36 15.16 30.76
N PHE E 45 0.11 14.95 30.37
CA PHE E 45 -0.88 16.01 30.33
C PHE E 45 -2.21 15.69 30.99
N SER E 46 -2.95 16.75 31.31
CA SER E 46 -4.31 16.55 31.79
C SER E 46 -5.05 16.91 30.49
N GLY E 47 -6.35 16.57 30.38
CA GLY E 47 -7.10 16.82 29.16
C GLY E 47 -6.85 15.68 28.13
N SER E 48 -7.22 15.89 26.87
CA SER E 48 -6.99 14.90 25.80
C SER E 48 -6.76 15.59 24.47
N PRO E 49 -6.09 14.89 23.52
CA PRO E 49 -5.76 15.41 22.20
C PRO E 49 -6.90 15.97 21.39
N ASP E 50 -8.09 15.39 21.55
CA ASP E 50 -9.27 15.83 20.81
C ASP E 50 -9.83 17.10 21.43
N GLN E 51 -9.42 17.40 22.66
CA GLN E 51 -9.89 18.60 23.36
C GLN E 51 -8.69 19.50 23.39
N THR E 52 -8.26 19.85 24.60
CA THR E 52 -7.09 20.69 24.81
C THR E 52 -6.10 19.94 25.72
N LEU E 53 -4.83 19.92 25.36
CA LEU E 53 -3.88 19.22 26.22
C LEU E 53 -3.25 20.19 27.21
N ASN E 54 -3.16 19.82 28.48
CA ASN E 54 -2.51 20.71 29.43
C ASN E 54 -1.24 20.04 29.95
N LEU E 55 -0.10 20.57 29.51
CA LEU E 55 1.19 20.04 29.91
C LEU E 55 1.33 20.14 31.45
N ILE E 56 1.55 19.01 32.11
CA ILE E 56 1.72 19.05 33.53
C ILE E 56 3.13 18.64 34.03
N SER E 57 3.73 17.63 33.43
CA SER E 57 5.07 17.21 33.84
C SER E 57 5.80 16.63 32.65
N ILE E 58 7.13 16.55 32.76
CA ILE E 58 7.96 15.97 31.71
C ILE E 58 8.99 15.11 32.41
N THR E 59 9.32 13.99 31.78
CA THR E 59 10.29 13.10 32.32
C THR E 59 11.41 12.92 31.29
N PHE E 60 12.62 13.34 31.65
CA PHE E 60 13.78 13.21 30.76
C PHE E 60 14.60 12.03 31.26
N SER E 61 15.09 11.21 30.34
CA SER E 61 15.89 10.10 30.81
C SER E 61 16.97 9.71 29.81
N SER E 62 17.96 9.02 30.35
CA SER E 62 19.08 8.58 29.59
C SER E 62 19.40 7.21 30.18
N ASN E 63 19.57 6.24 29.29
CA ASN E 63 19.92 4.88 29.72
C ASN E 63 21.37 4.91 30.26
N PRO E 64 21.73 3.99 31.17
CA PRO E 64 20.85 2.94 31.72
C PRO E 64 19.65 3.43 32.53
N THR E 65 19.93 4.09 33.65
CA THR E 65 18.87 4.54 34.54
C THR E 65 18.82 6.03 34.95
N ASP E 66 19.51 6.94 34.25
CA ASP E 66 19.41 8.37 34.59
C ASP E 66 17.96 8.81 34.26
N ILE E 67 17.30 9.46 35.20
CA ILE E 67 15.92 9.92 34.99
C ILE E 67 15.55 11.12 35.87
N ILE E 68 14.67 11.97 35.37
CA ILE E 68 14.23 13.09 36.20
C ILE E 68 12.80 13.43 35.77
N THR E 69 11.99 13.82 36.73
CA THR E 69 10.62 14.18 36.48
C THR E 69 10.42 15.61 36.99
N VAL E 70 9.91 16.50 36.16
CA VAL E 70 9.71 17.89 36.54
C VAL E 70 8.29 18.27 36.30
N GLY E 71 7.75 19.10 37.21
CA GLY E 71 6.35 19.50 37.18
C GLY E 71 5.49 18.35 37.78
N GLY E 72 4.16 18.47 37.82
CA GLY E 72 3.37 17.34 38.32
C GLY E 72 3.22 17.11 39.81
N VAL E 73 3.68 18.06 40.63
CA VAL E 73 3.60 17.98 42.11
C VAL E 73 2.16 18.21 42.62
N GLY E 74 1.33 18.87 41.80
CA GLY E 74 -0.06 19.15 42.15
C GLY E 74 -0.97 17.92 42.07
N PRO E 75 -2.29 18.10 42.33
CA PRO E 75 -3.32 17.06 42.32
C PRO E 75 -3.95 16.63 40.98
N GLU E 76 -3.89 17.47 39.94
CA GLU E 76 -4.45 17.07 38.64
C GLU E 76 -3.99 15.71 38.14
N PRO E 77 -4.96 14.82 37.86
CA PRO E 77 -4.64 13.47 37.37
C PRO E 77 -4.14 13.56 35.93
N LEU E 78 -3.13 12.75 35.62
CA LEU E 78 -2.58 12.73 34.25
C LEU E 78 -3.53 11.89 33.40
N THR E 79 -4.00 12.40 32.27
CA THR E 79 -4.91 11.65 31.41
C THR E 79 -4.34 11.31 30.03
N TYR E 80 -3.30 12.00 29.60
CA TYR E 80 -2.69 11.71 28.28
C TYR E 80 -1.16 11.73 28.38
N THR E 81 -0.55 10.73 27.75
CA THR E 81 0.90 10.55 27.79
C THR E 81 1.51 10.34 26.41
N GLU E 82 2.60 11.08 26.19
CA GLU E 82 3.35 11.09 24.94
C GLU E 82 4.77 10.57 25.26
N THR E 83 5.08 9.36 24.83
CA THR E 83 6.40 8.79 25.08
C THR E 83 7.14 8.94 23.78
N VAL E 84 8.24 9.65 23.85
CA VAL E 84 9.06 9.93 22.68
C VAL E 84 10.50 9.40 22.80
N ASN E 85 10.82 8.31 22.08
CA ASN E 85 12.19 7.78 22.08
C ASN E 85 12.97 8.72 21.18
N ILE E 86 14.15 9.14 21.63
CA ILE E 86 14.95 10.06 20.84
C ILE E 86 16.10 9.38 20.12
N ASP E 87 16.27 9.84 18.89
CA ASP E 87 17.29 9.28 18.03
C ASP E 87 18.21 10.39 17.63
N GLY E 88 19.44 10.31 18.15
CA GLY E 88 20.43 11.34 17.85
C GLY E 88 20.49 12.49 18.84
N ASP E 89 21.26 13.50 18.51
CA ASP E 89 21.40 14.61 19.41
C ASP E 89 20.34 15.68 19.18
N ILE E 90 19.67 16.09 20.25
CA ILE E 90 18.74 17.18 20.15
C ILE E 90 19.60 18.44 19.92
N ILE E 91 19.15 19.29 19.02
CA ILE E 91 19.90 20.47 18.67
C ILE E 91 19.10 21.73 18.92
N GLU E 92 17.82 21.54 19.16
CA GLU E 92 16.96 22.69 19.33
C GLU E 92 15.62 22.31 19.89
N ILE E 93 15.03 23.22 20.66
CA ILE E 93 13.68 22.98 21.15
C ILE E 93 12.86 24.22 20.90
N SER E 94 11.56 24.01 20.78
CA SER E 94 10.67 25.10 20.54
C SER E 94 9.30 24.80 21.11
N GLY E 95 8.43 25.80 21.14
CA GLY E 95 7.13 25.56 21.72
C GLY E 95 6.36 26.83 22.04
N MET E 96 5.40 26.67 22.95
CA MET E 96 4.51 27.75 23.36
C MET E 96 4.35 27.91 24.85
N ILE E 97 4.19 29.16 25.25
CA ILE E 97 3.99 29.52 26.63
C ILE E 97 2.66 30.27 26.67
N ALA E 98 1.81 29.88 27.62
CA ALA E 98 0.52 30.54 27.81
C ALA E 98 0.12 30.35 29.24
N ASN E 99 -1.00 31.00 29.56
CA ASN E 99 -1.54 30.94 30.89
C ASN E 99 -2.32 29.68 31.14
N TYR E 100 -2.11 29.09 32.30
CA TYR E 100 -2.87 27.91 32.67
C TYR E 100 -3.15 28.05 34.16
N LYS E 101 -4.44 28.11 34.47
CA LYS E 101 -4.90 28.21 35.84
C LYS E 101 -4.14 29.26 36.62
N GLY E 102 -3.94 30.43 36.01
CA GLY E 102 -3.26 31.50 36.70
C GLY E 102 -1.75 31.61 36.57
N TYR E 103 -1.11 30.69 35.87
CA TYR E 103 0.33 30.78 35.70
C TYR E 103 0.74 30.65 34.23
N ASN E 104 1.79 31.36 33.86
CA ASN E 104 2.30 31.25 32.52
C ASN E 104 3.25 30.11 32.54
N VAL E 105 2.95 29.08 31.75
CA VAL E 105 3.80 27.90 31.75
C VAL E 105 4.10 27.44 30.34
N ILE E 106 4.95 26.41 30.25
CA ILE E 106 5.30 25.80 28.98
C ILE E 106 4.06 24.98 28.65
N ARG E 107 3.45 25.27 27.48
CA ARG E 107 2.21 24.65 27.04
C ARG E 107 2.36 23.60 25.95
N SER E 108 3.43 23.72 25.17
CA SER E 108 3.74 22.77 24.09
C SER E 108 5.23 22.85 23.85
N ILE E 109 5.80 21.74 23.42
CA ILE E 109 7.22 21.73 23.17
C ILE E 109 7.58 20.78 22.03
N LYS E 110 8.63 21.14 21.30
CA LYS E 110 9.06 20.35 20.16
C LYS E 110 10.54 20.15 20.25
N PHE E 111 11.00 18.97 19.85
CA PHE E 111 12.42 18.64 19.93
C PHE E 111 12.99 18.31 18.58
N THR E 112 14.01 19.04 18.15
CA THR E 112 14.60 18.81 16.85
C THR E 112 16.05 18.33 16.88
N THR E 113 16.33 17.25 16.16
CA THR E 113 17.72 16.78 16.07
C THR E 113 18.11 17.21 14.67
N ASN E 114 19.38 17.03 14.30
CA ASN E 114 19.85 17.40 12.96
C ASN E 114 19.14 16.51 11.91
N LYS E 115 18.52 15.44 12.39
CA LYS E 115 17.80 14.47 11.55
C LYS E 115 16.26 14.50 11.66
N LYS E 116 15.73 14.10 12.80
CA LYS E 116 14.28 14.07 13.04
C LYS E 116 13.66 15.27 13.76
N GLU E 117 12.34 15.31 13.72
CA GLU E 117 11.54 16.34 14.38
C GLU E 117 10.51 15.60 15.25
N TYR E 118 10.36 15.99 16.51
CA TYR E 118 9.41 15.36 17.43
C TYR E 118 8.47 16.41 18.03
N GLY E 119 7.20 16.37 17.63
CA GLY E 119 6.23 17.34 18.14
C GLY E 119 5.92 18.44 17.13
N PRO E 120 5.44 19.61 17.55
CA PRO E 120 5.18 19.94 18.97
C PRO E 120 4.05 19.15 19.63
N TYR E 121 4.20 18.89 20.92
CA TYR E 121 3.20 18.17 21.69
C TYR E 121 2.58 19.16 22.67
N GLY E 122 1.28 19.05 22.91
CA GLY E 122 0.63 19.94 23.84
C GLY E 122 -0.34 20.89 23.14
N ALA E 123 -0.62 22.05 23.75
CA ALA E 123 -1.55 23.05 23.21
C ALA E 123 -0.70 24.07 22.50
N ASN E 124 -0.60 23.93 21.19
CA ASN E 124 0.24 24.82 20.43
C ASN E 124 -0.41 26.18 20.24
N ALA E 125 -0.47 26.96 21.31
CA ALA E 125 -1.07 28.27 21.23
C ALA E 125 -0.50 29.12 22.34
N GLY E 126 -0.26 30.39 22.01
CA GLY E 126 0.28 31.32 22.98
C GLY E 126 1.50 32.06 22.46
N THR E 127 2.50 32.22 23.32
CA THR E 127 3.72 32.93 22.92
C THR E 127 4.78 31.91 22.59
N PRO E 128 5.34 32.01 21.39
CA PRO E 128 6.37 31.04 21.02
C PRO E 128 7.71 31.28 21.64
N PHE E 129 8.44 30.19 21.86
CA PHE E 129 9.80 30.31 22.35
C PHE E 129 10.64 29.42 21.46
N ASN E 130 11.92 29.72 21.45
CA ASN E 130 12.86 29.00 20.65
C ASN E 130 14.22 28.90 21.33
N ILE E 131 14.73 27.68 21.44
CA ILE E 131 16.06 27.49 21.99
C ILE E 131 16.99 26.88 20.91
N LYS E 132 17.89 27.71 20.39
CA LYS E 132 18.86 27.32 19.37
C LYS E 132 20.25 27.47 19.98
N ILE E 133 21.20 26.71 19.46
CA ILE E 133 22.56 26.70 19.93
C ILE E 133 23.46 26.89 18.71
N PRO E 134 24.72 27.24 18.91
CA PRO E 134 25.62 27.44 17.77
C PRO E 134 25.80 26.17 16.91
N ASP E 135 25.98 26.36 15.59
CA ASP E 135 26.21 25.20 14.66
C ASP E 135 27.27 24.24 15.19
N GLY E 136 27.08 22.95 14.93
CA GLY E 136 28.04 21.97 15.40
C GLY E 136 27.99 21.68 16.90
N ASN E 137 26.92 22.09 17.57
CA ASN E 137 26.78 21.84 19.00
C ASN E 137 25.61 20.91 19.26
N LYS E 138 25.53 20.39 20.47
CA LYS E 138 24.43 19.51 20.78
C LYS E 138 23.87 19.87 22.17
N ILE E 139 22.59 19.60 22.36
CA ILE E 139 22.01 19.85 23.66
C ILE E 139 22.26 18.57 24.47
N VAL E 140 22.88 18.73 25.65
CA VAL E 140 23.22 17.62 26.53
C VAL E 140 22.49 17.61 27.84
N GLY E 141 21.56 18.53 28.02
CA GLY E 141 20.80 18.57 29.25
C GLY E 141 19.81 19.71 29.25
N PHE E 142 18.97 19.73 30.27
CA PHE E 142 17.97 20.76 30.45
C PHE E 142 17.94 21.20 31.89
N PHE E 143 17.36 22.37 32.13
CA PHE E 143 17.23 22.87 33.48
C PHE E 143 16.04 23.79 33.37
N GLY E 144 15.51 24.24 34.50
CA GLY E 144 14.38 25.15 34.46
C GLY E 144 13.73 25.37 35.82
N ASN E 145 12.46 25.78 35.82
CA ASN E 145 11.71 25.95 37.07
C ASN E 145 10.41 25.16 36.90
N SER E 146 9.89 24.64 38.00
CA SER E 146 8.63 23.92 37.95
C SER E 146 8.02 23.92 39.34
N GLY E 147 6.82 23.37 39.42
CA GLY E 147 6.06 23.24 40.65
C GLY E 147 4.99 22.26 40.19
N TRP E 148 3.74 22.72 40.13
CA TRP E 148 2.65 21.87 39.68
C TRP E 148 2.83 21.62 38.17
N TYR E 149 3.37 22.63 37.52
CA TYR E 149 3.57 22.63 36.10
C TYR E 149 5.01 22.86 35.68
N VAL E 150 5.28 22.82 34.37
CA VAL E 150 6.60 23.08 33.84
C VAL E 150 6.58 24.58 33.52
N ASP E 151 7.19 25.35 34.41
CA ASP E 151 7.21 26.80 34.30
C ASP E 151 8.24 27.40 33.35
N ALA E 152 9.45 26.88 33.37
CA ALA E 152 10.49 27.43 32.53
C ALA E 152 11.45 26.33 32.16
N ILE E 153 12.08 26.46 31.01
CA ILE E 153 13.03 25.49 30.59
C ILE E 153 14.15 26.15 29.80
N GLY E 154 15.34 25.58 29.93
CA GLY E 154 16.53 26.05 29.26
C GLY E 154 17.38 24.83 28.92
N ALA E 155 18.48 25.04 28.19
CA ALA E 155 19.33 23.89 27.83
C ALA E 155 20.82 24.05 28.10
N TYR E 156 21.49 22.91 28.31
CA TYR E 156 22.94 22.88 28.45
C TYR E 156 23.40 22.41 27.07
N TYR E 157 24.44 23.02 26.53
CA TYR E 157 24.93 22.59 25.23
C TYR E 157 26.47 22.61 25.19
N THR E 158 27.04 21.81 24.26
CA THR E 158 28.48 21.73 24.02
C THR E 158 28.75 21.25 22.58
N ALA E 159 29.97 21.44 22.09
CA ALA E 159 30.30 21.03 20.72
C ALA E 159 30.19 19.53 20.52
N LYS E 160 29.74 19.14 19.35
CA LYS E 160 29.68 17.72 19.03
C LYS E 160 31.15 17.32 18.82
#